data_1AOG
#
_entry.id   1AOG
#
_cell.length_a   92.810
_cell.length_b   92.810
_cell.length_c   156.690
_cell.angle_alpha   90.00
_cell.angle_beta   90.00
_cell.angle_gamma   90.00
#
_symmetry.space_group_name_H-M   'P 43'
#
loop_
_entity.id
_entity.type
_entity.pdbx_description
1 polymer 'TRYPANOTHIONE REDUCTASE'
2 non-polymer 'FLAVIN-ADENINE DINUCLEOTIDE'
3 non-polymer 'MALEIC ACID'
4 water water
#
_entity_poly.entity_id   1
_entity_poly.type   'polypeptide(L)'
_entity_poly.pdbx_seq_one_letter_code
;SKIFDLVVIGAGSGGLEAAWNAATLYKKRVAVIDVQMVHGPPFFSALGGTCVNVGCVPKKLMVTGAQYMEHLRESAGFGW
EFDRTTLRAEWKNLIAVKDEAVLNINKSYDEMFRDTEGLEFFLGWGSLESKNVVNVRESADPASAVKERLETEHILLASG
SWPHMPNIPGIEHCISSNEAFYLPEPPRRVLTVGGGFISVEFAGIFNAYKPKDGQVTLCYRGEMILRGFDHTLREELTKQ
LTANGIQILTKENPAKVELNADGSKSVTFESGKKMDFDLVMMAIGRSPRTKDLQLQNAGVMIKNGGVQVDEYSRTNVSNI
YAIGDVTNRVMLTPVAINEAAALVDTVFGTTPRKTDHTRVASAVFSIPPIGTCGLIEEVASKRYEVVAVYLSSFTPLMHK
VSGSKYKTFVAKIITNHSDGTVLGVHLLGDNAPEIIQGIGICLKLNAKISDFYNTIGVHPTSAEELCSMRTPSYYYVKGE
KMEKP
;
_entity_poly.pdbx_strand_id   A,B
#
# COMPACT_ATOMS: atom_id res chain seq x y z
N SER A 1 -11.14 38.52 -36.11
CA SER A 1 -11.42 37.27 -35.42
C SER A 1 -10.33 37.01 -34.41
N LYS A 2 -9.06 36.80 -34.73
CA LYS A 2 -7.96 36.53 -33.82
C LYS A 2 -7.69 35.29 -32.98
N ILE A 3 -6.57 34.94 -33.61
CA ILE A 3 -5.69 33.81 -33.46
C ILE A 3 -5.75 32.73 -32.39
N PHE A 4 -5.46 32.85 -31.09
CA PHE A 4 -5.51 31.65 -30.27
C PHE A 4 -6.87 31.42 -29.66
N ASP A 5 -7.22 30.17 -29.41
CA ASP A 5 -8.47 29.89 -28.76
C ASP A 5 -8.30 29.98 -27.26
N LEU A 6 -7.12 29.64 -26.78
CA LEU A 6 -6.85 29.61 -25.36
C LEU A 6 -5.38 29.96 -25.22
N VAL A 7 -5.07 30.82 -24.25
CA VAL A 7 -3.67 31.05 -23.86
C VAL A 7 -3.69 30.64 -22.40
N VAL A 8 -2.71 29.82 -22.01
CA VAL A 8 -2.57 29.28 -20.68
C VAL A 8 -1.28 29.86 -20.09
N ILE A 9 -1.37 30.57 -18.99
CA ILE A 9 -0.17 31.11 -18.36
C ILE A 9 0.17 30.13 -17.25
N GLY A 10 1.28 29.44 -17.44
CA GLY A 10 1.69 28.41 -16.51
C GLY A 10 1.57 27.04 -17.16
N ALA A 11 2.71 26.41 -17.38
CA ALA A 11 2.77 25.09 -17.96
C ALA A 11 2.99 24.09 -16.86
N GLY A 12 2.13 24.02 -15.85
CA GLY A 12 2.34 23.11 -14.75
C GLY A 12 1.32 21.99 -14.73
N SER A 13 1.01 21.37 -13.59
CA SER A 13 0.07 20.27 -13.57
C SER A 13 -1.26 20.59 -14.22
N GLY A 14 -1.92 21.71 -13.91
CA GLY A 14 -3.21 22.01 -14.51
C GLY A 14 -3.11 22.62 -15.90
N GLY A 15 -2.16 23.54 -16.09
CA GLY A 15 -1.95 24.19 -17.37
C GLY A 15 -1.71 23.19 -18.48
N LEU A 16 -0.78 22.22 -18.28
CA LEU A 16 -0.50 21.25 -19.33
C LEU A 16 -1.64 20.29 -19.58
N GLU A 17 -2.40 19.93 -18.55
CA GLU A 17 -3.58 19.12 -18.73
C GLU A 17 -4.60 19.87 -19.58
N ALA A 18 -4.88 21.13 -19.26
CA ALA A 18 -5.87 21.92 -19.99
C ALA A 18 -5.45 22.15 -21.41
N ALA A 19 -4.19 22.52 -21.59
CA ALA A 19 -3.62 22.77 -22.90
C ALA A 19 -3.70 21.53 -23.80
N TRP A 20 -3.24 20.37 -23.29
CA TRP A 20 -3.27 19.12 -24.01
C TRP A 20 -4.70 18.77 -24.43
N ASN A 21 -5.65 18.75 -23.50
CA ASN A 21 -7.03 18.38 -23.79
C ASN A 21 -7.70 19.26 -24.82
N ALA A 22 -7.53 20.57 -24.74
CA ALA A 22 -8.13 21.46 -25.72
C ALA A 22 -7.52 21.25 -27.10
N ALA A 23 -6.22 21.01 -27.22
CA ALA A 23 -5.61 20.85 -28.52
C ALA A 23 -5.96 19.50 -29.12
N THR A 24 -6.01 18.42 -28.33
CA THR A 24 -6.27 17.11 -28.89
C THR A 24 -7.74 16.74 -28.91
N LEU A 25 -8.48 16.84 -27.80
CA LEU A 25 -9.89 16.48 -27.80
C LEU A 25 -10.76 17.42 -28.59
N TYR A 26 -10.42 18.71 -28.50
CA TYR A 26 -11.27 19.72 -29.09
C TYR A 26 -10.70 20.43 -30.29
N LYS A 27 -9.46 20.09 -30.70
CA LYS A 27 -8.78 20.67 -31.87
C LYS A 27 -8.61 22.20 -31.81
N LYS A 28 -8.40 22.75 -30.62
CA LYS A 28 -8.27 24.19 -30.47
C LYS A 28 -6.82 24.56 -30.58
N ARG A 29 -6.47 25.76 -31.05
CA ARG A 29 -5.08 26.19 -31.11
C ARG A 29 -4.80 26.82 -29.75
N VAL A 30 -3.84 26.30 -29.02
CA VAL A 30 -3.58 26.67 -27.65
C VAL A 30 -2.14 27.16 -27.53
N ALA A 31 -1.88 28.26 -26.82
CA ALA A 31 -0.53 28.70 -26.55
C ALA A 31 -0.31 28.50 -25.05
N VAL A 32 0.86 28.07 -24.59
CA VAL A 32 1.12 27.86 -23.19
C VAL A 32 2.40 28.63 -22.94
N ILE A 33 2.51 29.31 -21.79
CA ILE A 33 3.66 30.15 -21.47
C ILE A 33 4.29 29.68 -20.19
N ASP A 34 5.62 29.66 -20.10
CA ASP A 34 6.27 29.42 -18.83
C ASP A 34 7.64 30.06 -18.92
N VAL A 35 8.26 30.24 -17.77
CA VAL A 35 9.47 31.02 -17.62
C VAL A 35 10.77 30.28 -17.89
N GLN A 36 10.80 28.96 -17.77
CA GLN A 36 12.02 28.21 -18.03
C GLN A 36 11.65 26.93 -18.74
N MET A 37 12.63 26.44 -19.50
CA MET A 37 12.51 25.17 -20.20
C MET A 37 12.86 23.99 -19.32
N VAL A 38 13.91 24.07 -18.51
CA VAL A 38 14.33 22.97 -17.65
C VAL A 38 14.44 23.50 -16.22
N HIS A 39 14.20 22.60 -15.26
CA HIS A 39 14.25 22.92 -13.84
C HIS A 39 15.49 23.64 -13.37
N GLY A 40 15.35 24.30 -12.23
CA GLY A 40 16.50 24.84 -11.53
C GLY A 40 16.59 26.35 -11.41
N PRO A 41 17.59 26.84 -10.69
CA PRO A 41 17.88 28.26 -10.53
C PRO A 41 17.94 28.93 -11.92
N PRO A 42 17.50 30.17 -12.15
CA PRO A 42 16.95 31.08 -11.15
C PRO A 42 15.49 30.94 -10.81
N PHE A 43 14.65 30.45 -11.72
CA PHE A 43 13.23 30.46 -11.47
C PHE A 43 12.64 29.19 -10.90
N PHE A 44 13.48 28.14 -10.75
CA PHE A 44 13.19 26.85 -10.15
C PHE A 44 12.20 25.98 -10.88
N SER A 45 10.99 26.48 -11.02
CA SER A 45 9.97 25.83 -11.80
C SER A 45 10.23 26.17 -13.27
N ALA A 46 9.62 25.36 -14.12
CA ALA A 46 9.84 25.37 -15.55
C ALA A 46 8.71 24.56 -16.15
N LEU A 47 8.86 24.21 -17.43
CA LEU A 47 7.96 23.34 -18.17
C LEU A 47 7.71 22.08 -17.33
N GLY A 48 6.44 21.85 -16.99
CA GLY A 48 6.06 20.74 -16.15
C GLY A 48 5.47 21.23 -14.85
N GLY A 49 5.87 22.41 -14.35
CA GLY A 49 5.33 22.95 -13.12
C GLY A 49 6.10 22.55 -11.90
N THR A 50 5.53 22.95 -10.77
CA THR A 50 6.13 22.76 -9.48
C THR A 50 6.24 21.31 -9.06
N CYS A 51 5.22 20.49 -9.31
CA CYS A 51 5.26 19.10 -8.92
C CYS A 51 6.42 18.39 -9.60
N VAL A 52 6.53 18.53 -10.92
CA VAL A 52 7.62 17.91 -11.65
C VAL A 52 8.98 18.48 -11.24
N ASN A 53 9.11 19.80 -11.13
CA ASN A 53 10.42 20.38 -10.92
C ASN A 53 10.94 20.56 -9.52
N VAL A 54 10.09 21.02 -8.62
CA VAL A 54 10.49 21.31 -7.26
C VAL A 54 9.33 20.95 -6.35
N GLY A 55 8.74 19.78 -6.57
CA GLY A 55 7.57 19.38 -5.81
C GLY A 55 7.51 17.87 -5.65
N CYS A 56 6.36 17.30 -5.96
CA CYS A 56 6.10 15.88 -5.75
C CYS A 56 7.14 14.89 -6.23
N VAL A 57 7.54 15.05 -7.48
CA VAL A 57 8.42 14.09 -8.11
C VAL A 57 9.80 14.18 -7.48
N PRO A 58 10.59 15.27 -7.41
CA PRO A 58 11.84 15.24 -6.69
C PRO A 58 11.75 14.90 -5.19
N LYS A 59 10.71 15.37 -4.46
CA LYS A 59 10.68 15.06 -3.04
C LYS A 59 10.37 13.59 -2.79
N LYS A 60 9.53 12.91 -3.58
CA LYS A 60 9.29 11.49 -3.37
C LYS A 60 10.60 10.72 -3.62
N LEU A 61 11.44 11.05 -4.61
CA LEU A 61 12.73 10.40 -4.81
C LEU A 61 13.63 10.64 -3.60
N MET A 62 13.62 11.85 -3.05
CA MET A 62 14.46 12.14 -1.88
C MET A 62 13.96 11.46 -0.61
N VAL A 63 12.65 11.35 -0.41
CA VAL A 63 12.05 10.61 0.71
C VAL A 63 12.32 9.12 0.53
N THR A 64 12.26 8.55 -0.67
CA THR A 64 12.57 7.14 -0.86
C THR A 64 14.01 6.92 -0.53
N GLY A 65 14.90 7.84 -0.90
CA GLY A 65 16.30 7.71 -0.52
C GLY A 65 16.46 7.73 0.99
N ALA A 66 15.78 8.65 1.68
CA ALA A 66 15.89 8.74 3.12
C ALA A 66 15.42 7.49 3.82
N GLN A 67 14.39 6.89 3.25
CA GLN A 67 13.79 5.68 3.80
C GLN A 67 14.79 4.52 3.87
N TYR A 68 15.80 4.49 3.00
CA TYR A 68 16.81 3.47 3.08
C TYR A 68 17.56 3.52 4.38
N MET A 69 17.62 4.63 5.12
CA MET A 69 18.29 4.63 6.41
C MET A 69 17.50 3.70 7.33
N GLU A 70 16.17 3.67 7.17
CA GLU A 70 15.33 2.78 7.95
C GLU A 70 15.61 1.33 7.60
N HIS A 71 15.58 1.04 6.29
CA HIS A 71 15.82 -0.29 5.77
C HIS A 71 17.14 -0.88 6.18
N LEU A 72 18.20 -0.09 6.02
CA LEU A 72 19.54 -0.51 6.37
C LEU A 72 19.66 -0.76 7.86
N ARG A 73 19.02 0.03 8.71
CA ARG A 73 19.04 -0.24 10.14
C ARG A 73 18.20 -1.48 10.49
N GLU A 74 16.97 -1.51 9.98
CA GLU A 74 16.06 -2.61 10.28
C GLU A 74 16.45 -3.96 9.69
N SER A 75 17.27 -4.04 8.63
CA SER A 75 17.67 -5.30 8.03
C SER A 75 18.32 -6.22 9.06
N ALA A 76 19.06 -5.66 10.02
CA ALA A 76 19.72 -6.43 11.05
C ALA A 76 18.80 -7.33 11.86
N GLY A 77 17.53 -7.00 12.09
CA GLY A 77 16.63 -7.81 12.90
C GLY A 77 16.17 -9.06 12.16
N PHE A 78 16.48 -9.11 10.87
CA PHE A 78 16.15 -10.26 10.07
C PHE A 78 17.43 -10.98 9.67
N GLY A 79 18.57 -10.68 10.27
CA GLY A 79 19.78 -11.45 10.01
C GLY A 79 20.69 -10.87 8.95
N TRP A 80 20.50 -9.67 8.41
CA TRP A 80 21.42 -9.15 7.40
C TRP A 80 22.55 -8.44 8.11
N GLU A 81 23.79 -8.74 7.81
CA GLU A 81 24.90 -8.09 8.47
C GLU A 81 25.87 -7.58 7.44
N PHE A 82 26.46 -6.42 7.70
CA PHE A 82 27.51 -5.88 6.88
C PHE A 82 28.37 -4.99 7.77
N ASP A 83 29.49 -4.43 7.31
CA ASP A 83 30.28 -3.60 8.19
C ASP A 83 29.57 -2.26 8.28
N ARG A 84 28.76 -2.10 9.33
CA ARG A 84 27.97 -0.88 9.44
C ARG A 84 28.79 0.37 9.70
N THR A 85 30.09 0.24 9.96
CA THR A 85 30.96 1.40 10.13
C THR A 85 31.38 1.94 8.77
N THR A 86 31.09 1.26 7.66
CA THR A 86 31.45 1.80 6.35
C THR A 86 30.29 2.54 5.68
N LEU A 87 29.15 2.56 6.38
CA LEU A 87 27.92 3.10 5.83
C LEU A 87 27.92 4.60 5.70
N ARG A 88 27.72 5.14 4.51
CA ARG A 88 27.54 6.58 4.39
C ARG A 88 26.50 6.94 3.33
N ALA A 89 25.85 8.09 3.49
CA ALA A 89 24.83 8.56 2.57
C ALA A 89 25.49 9.59 1.67
N GLU A 90 25.41 9.53 0.37
CA GLU A 90 26.13 10.47 -0.44
C GLU A 90 25.11 11.42 -1.07
N TRP A 91 24.86 12.56 -0.41
CA TRP A 91 23.91 13.57 -0.85
C TRP A 91 24.08 13.97 -2.32
N LYS A 92 25.30 14.21 -2.76
CA LYS A 92 25.57 14.60 -4.14
C LYS A 92 25.09 13.59 -5.19
N ASN A 93 25.12 12.30 -4.85
CA ASN A 93 24.61 11.31 -5.77
C ASN A 93 23.09 11.38 -5.83
N LEU A 94 22.43 11.59 -4.69
CA LEU A 94 20.99 11.72 -4.63
C LEU A 94 20.54 12.90 -5.46
N ILE A 95 21.18 14.07 -5.36
CA ILE A 95 20.81 15.23 -6.14
C ILE A 95 21.09 14.99 -7.62
N ALA A 96 22.21 14.35 -7.95
CA ALA A 96 22.54 14.05 -9.33
C ALA A 96 21.50 13.15 -10.01
N VAL A 97 21.04 12.06 -9.39
CA VAL A 97 20.05 11.21 -10.04
C VAL A 97 18.68 11.87 -10.00
N LYS A 98 18.33 12.71 -9.02
CA LYS A 98 17.07 13.47 -9.03
C LYS A 98 17.07 14.45 -10.19
N ASP A 99 18.20 15.14 -10.42
CA ASP A 99 18.32 16.09 -11.49
C ASP A 99 18.12 15.47 -12.86
N GLU A 100 18.67 14.28 -13.09
CA GLU A 100 18.49 13.55 -14.33
C GLU A 100 17.05 13.12 -14.50
N ALA A 101 16.43 12.55 -13.46
CA ALA A 101 15.04 12.16 -13.52
C ALA A 101 14.13 13.32 -13.88
N VAL A 102 14.30 14.51 -13.27
CA VAL A 102 13.47 15.68 -13.55
C VAL A 102 13.81 16.20 -14.94
N LEU A 103 15.08 16.26 -15.32
CA LEU A 103 15.47 16.71 -16.64
C LEU A 103 14.81 15.91 -17.74
N ASN A 104 14.67 14.59 -17.57
CA ASN A 104 14.05 13.75 -18.58
C ASN A 104 12.58 14.04 -18.77
N ILE A 105 11.84 14.45 -17.73
CA ILE A 105 10.45 14.86 -17.85
C ILE A 105 10.41 16.25 -18.49
N ASN A 106 11.31 17.17 -18.13
CA ASN A 106 11.38 18.46 -18.80
C ASN A 106 11.53 18.23 -20.30
N LYS A 107 12.44 17.33 -20.70
CA LYS A 107 12.64 17.01 -22.11
C LYS A 107 11.44 16.38 -22.77
N SER A 108 10.66 15.52 -22.11
CA SER A 108 9.53 14.98 -22.83
C SER A 108 8.37 15.96 -23.02
N TYR A 109 8.15 16.92 -22.12
CA TYR A 109 7.10 17.90 -22.34
C TYR A 109 7.46 18.75 -23.54
N ASP A 110 8.74 19.04 -23.70
CA ASP A 110 9.25 19.79 -24.83
C ASP A 110 8.93 19.07 -26.15
N GLU A 111 9.28 17.79 -26.19
CA GLU A 111 9.00 16.93 -27.32
C GLU A 111 7.49 16.91 -27.62
N MET A 112 6.65 16.81 -26.59
CA MET A 112 5.21 16.84 -26.70
C MET A 112 4.76 18.09 -27.44
N PHE A 113 5.37 19.25 -27.16
CA PHE A 113 5.02 20.46 -27.86
C PHE A 113 5.45 20.36 -29.32
N ARG A 114 6.64 19.84 -29.62
CA ARG A 114 7.08 19.68 -31.01
C ARG A 114 6.17 18.77 -31.82
N ASP A 115 5.65 17.75 -31.16
CA ASP A 115 4.82 16.77 -31.83
C ASP A 115 3.34 17.12 -31.96
N THR A 116 2.76 18.09 -31.22
CA THR A 116 1.34 18.32 -31.34
C THR A 116 1.02 19.58 -32.15
N GLU A 117 0.26 19.39 -33.23
CA GLU A 117 -0.18 20.51 -34.04
C GLU A 117 -1.19 21.35 -33.27
N GLY A 118 -1.02 22.66 -33.31
CA GLY A 118 -1.95 23.51 -32.60
C GLY A 118 -1.61 23.70 -31.14
N LEU A 119 -0.45 23.31 -30.63
CA LEU A 119 -0.11 23.53 -29.24
C LEU A 119 1.20 24.28 -29.29
N GLU A 120 1.27 25.55 -28.89
CA GLU A 120 2.53 26.26 -28.97
C GLU A 120 3.04 26.68 -27.62
N PHE A 121 4.34 26.51 -27.38
CA PHE A 121 4.96 26.90 -26.13
C PHE A 121 5.68 28.25 -26.35
N PHE A 122 5.57 29.20 -25.42
CA PHE A 122 6.27 30.47 -25.50
C PHE A 122 7.04 30.61 -24.19
N LEU A 123 8.32 30.87 -24.31
CA LEU A 123 9.17 31.00 -23.16
C LEU A 123 9.17 32.45 -22.73
N GLY A 124 8.78 32.76 -21.50
CA GLY A 124 8.79 34.11 -21.00
C GLY A 124 7.82 34.23 -19.85
N TRP A 125 7.62 35.47 -19.41
CA TRP A 125 6.68 35.79 -18.34
C TRP A 125 5.41 36.30 -18.96
N GLY A 126 4.28 35.65 -18.72
CA GLY A 126 3.02 36.08 -19.27
C GLY A 126 2.29 37.01 -18.32
N SER A 127 1.56 37.95 -18.89
CA SER A 127 0.75 38.88 -18.13
C SER A 127 -0.33 39.44 -19.06
N LEU A 128 -1.43 39.90 -18.51
CA LEU A 128 -2.53 40.43 -19.30
C LEU A 128 -2.32 41.89 -19.71
N GLU A 129 -2.50 42.20 -21.00
CA GLU A 129 -2.50 43.58 -21.45
C GLU A 129 -3.95 44.05 -21.37
N SER A 130 -4.90 43.19 -21.68
CA SER A 130 -6.32 43.47 -21.56
C SER A 130 -6.96 42.10 -21.38
N LYS A 131 -8.28 41.96 -21.36
CA LYS A 131 -8.86 40.65 -21.24
C LYS A 131 -8.78 39.77 -22.48
N ASN A 132 -8.20 40.18 -23.61
CA ASN A 132 -8.07 39.30 -24.75
C ASN A 132 -6.70 39.42 -25.43
N VAL A 133 -5.70 39.95 -24.71
CA VAL A 133 -4.32 40.05 -25.19
C VAL A 133 -3.44 39.69 -24.00
N VAL A 134 -2.52 38.78 -24.22
CA VAL A 134 -1.56 38.32 -23.23
C VAL A 134 -0.21 38.73 -23.78
N ASN A 135 0.64 39.36 -22.98
CA ASN A 135 2.00 39.68 -23.39
C ASN A 135 2.97 38.67 -22.84
N VAL A 136 3.98 38.32 -23.61
CA VAL A 136 5.02 37.44 -23.11
C VAL A 136 6.21 38.38 -23.09
N ARG A 137 6.80 38.62 -21.93
CA ARG A 137 7.92 39.52 -21.77
C ARG A 137 9.14 38.78 -21.28
N GLU A 138 10.27 39.45 -21.41
CA GLU A 138 11.53 38.89 -21.00
C GLU A 138 11.62 38.66 -19.51
N SER A 139 10.95 39.42 -18.64
CA SER A 139 11.10 39.18 -17.20
C SER A 139 9.83 39.52 -16.43
N ALA A 140 9.82 39.34 -15.11
CA ALA A 140 8.65 39.67 -14.31
C ALA A 140 8.33 41.15 -14.27
N ASP A 141 9.33 41.96 -14.60
CA ASP A 141 9.15 43.41 -14.58
C ASP A 141 8.19 43.82 -15.68
N PRO A 142 7.06 44.48 -15.38
CA PRO A 142 6.05 44.86 -16.34
C PRO A 142 6.52 45.79 -17.44
N ALA A 143 7.73 46.32 -17.35
CA ALA A 143 8.23 47.21 -18.37
C ALA A 143 9.32 46.58 -19.19
N SER A 144 9.61 45.28 -19.04
CA SER A 144 10.67 44.71 -19.84
C SER A 144 10.11 44.43 -21.22
N ALA A 145 10.99 44.09 -22.16
CA ALA A 145 10.58 43.91 -23.52
C ALA A 145 9.58 42.81 -23.77
N VAL A 146 8.56 43.23 -24.52
CA VAL A 146 7.58 42.30 -25.02
C VAL A 146 8.28 41.52 -26.11
N LYS A 147 8.17 40.24 -25.89
CA LYS A 147 8.77 39.20 -26.70
C LYS A 147 7.64 38.68 -27.59
N GLU A 148 6.39 38.56 -27.13
CA GLU A 148 5.27 38.12 -27.96
C GLU A 148 4.02 38.80 -27.49
N ARG A 149 3.08 39.08 -28.38
CA ARG A 149 1.80 39.66 -28.00
C ARG A 149 0.83 38.65 -28.57
N LEU A 150 0.02 38.06 -27.70
CA LEU A 150 -0.85 36.98 -28.07
C LEU A 150 -2.28 37.41 -27.94
N GLU A 151 -2.98 37.43 -29.06
CA GLU A 151 -4.41 37.71 -29.08
C GLU A 151 -5.15 36.41 -28.86
N THR A 152 -6.21 36.42 -28.08
CA THR A 152 -6.90 35.21 -27.72
C THR A 152 -8.34 35.50 -27.34
N GLU A 153 -9.14 34.45 -27.52
CA GLU A 153 -10.53 34.47 -27.13
C GLU A 153 -10.70 33.96 -25.72
N HIS A 154 -9.78 33.18 -25.13
CA HIS A 154 -9.96 32.69 -23.76
C HIS A 154 -8.60 32.66 -23.13
N ILE A 155 -8.56 32.89 -21.81
CA ILE A 155 -7.32 32.90 -21.04
C ILE A 155 -7.52 32.01 -19.83
N LEU A 156 -6.51 31.20 -19.54
CA LEU A 156 -6.50 30.37 -18.35
C LEU A 156 -5.27 30.77 -17.55
N LEU A 157 -5.51 31.07 -16.28
CA LEU A 157 -4.50 31.46 -15.33
C LEU A 157 -4.17 30.19 -14.54
N ALA A 158 -2.96 29.69 -14.71
CA ALA A 158 -2.55 28.47 -14.05
C ALA A 158 -1.14 28.65 -13.51
N SER A 159 -0.85 29.84 -12.94
CA SER A 159 0.48 30.19 -12.46
C SER A 159 0.98 29.55 -11.17
N GLY A 160 0.16 28.78 -10.45
CA GLY A 160 0.64 28.11 -9.26
C GLY A 160 0.85 29.03 -8.06
N SER A 161 1.68 28.56 -7.14
CA SER A 161 1.95 29.28 -5.93
C SER A 161 3.45 29.40 -5.77
N TRP A 162 3.88 30.07 -4.69
CA TRP A 162 5.29 30.31 -4.44
C TRP A 162 5.53 30.28 -2.94
N PRO A 163 6.71 29.92 -2.37
CA PRO A 163 6.98 29.97 -0.94
C PRO A 163 6.67 31.34 -0.37
N HIS A 164 5.99 31.36 0.75
CA HIS A 164 5.67 32.59 1.44
C HIS A 164 6.78 32.76 2.47
N MET A 165 7.62 33.79 2.36
CA MET A 165 8.66 34.10 3.34
C MET A 165 8.12 35.12 4.37
N PRO A 166 8.21 34.99 5.69
CA PRO A 166 7.63 35.94 6.65
C PRO A 166 8.48 37.19 6.72
N ASN A 167 7.96 38.38 7.06
CA ASN A 167 8.88 39.52 7.10
C ASN A 167 9.41 39.64 8.52
N ILE A 168 10.47 38.87 8.77
CA ILE A 168 11.17 38.87 10.05
C ILE A 168 12.57 39.31 9.68
N PRO A 169 13.26 40.08 10.51
CA PRO A 169 14.62 40.47 10.24
C PRO A 169 15.51 39.23 10.06
N GLY A 170 16.24 39.29 8.97
CA GLY A 170 17.19 38.25 8.66
C GLY A 170 16.64 37.19 7.72
N ILE A 171 15.41 37.34 7.21
CA ILE A 171 14.85 36.38 6.28
C ILE A 171 15.76 36.09 5.08
N GLU A 172 16.68 36.99 4.73
CA GLU A 172 17.50 36.76 3.56
C GLU A 172 18.64 35.78 3.84
N HIS A 173 18.69 35.24 5.06
CA HIS A 173 19.67 34.24 5.45
C HIS A 173 19.03 32.87 5.49
N CYS A 174 17.75 32.83 5.17
CA CYS A 174 16.99 31.61 5.13
C CYS A 174 16.71 31.22 3.68
N ILE A 175 16.45 29.92 3.44
CA ILE A 175 16.09 29.44 2.11
C ILE A 175 14.65 28.92 2.20
N SER A 176 14.06 28.56 1.07
CA SER A 176 12.74 27.92 1.02
C SER A 176 12.96 26.49 0.49
N SER A 177 11.91 25.71 0.19
CA SER A 177 12.06 24.36 -0.32
C SER A 177 12.68 24.37 -1.69
N ASN A 178 12.49 25.44 -2.47
CA ASN A 178 13.08 25.56 -3.80
C ASN A 178 14.59 25.36 -3.82
N GLU A 179 15.30 26.00 -2.90
CA GLU A 179 16.75 25.94 -2.86
C GLU A 179 17.18 24.66 -2.20
N ALA A 180 16.38 24.13 -1.27
CA ALA A 180 16.68 22.88 -0.61
C ALA A 180 16.90 21.77 -1.65
N PHE A 181 16.27 21.79 -2.83
CA PHE A 181 16.50 20.78 -3.86
C PHE A 181 17.85 20.88 -4.57
N TYR A 182 18.60 21.97 -4.41
CA TYR A 182 19.87 22.13 -5.10
C TYR A 182 20.99 22.32 -4.11
N LEU A 183 20.85 21.96 -2.82
CA LEU A 183 21.94 22.18 -1.89
C LEU A 183 23.16 21.36 -2.27
N PRO A 184 24.40 21.90 -2.23
CA PRO A 184 25.60 21.21 -2.68
C PRO A 184 25.95 20.02 -1.82
N GLU A 185 25.65 20.08 -0.54
CA GLU A 185 25.95 19.04 0.42
C GLU A 185 24.95 19.18 1.57
N PRO A 186 24.68 18.22 2.46
CA PRO A 186 23.64 18.31 3.47
C PRO A 186 24.04 19.13 4.70
N PRO A 187 23.10 19.91 5.24
CA PRO A 187 23.34 20.78 6.37
C PRO A 187 23.69 19.98 7.61
N ARG A 188 24.62 20.43 8.42
CA ARG A 188 24.92 19.75 9.67
C ARG A 188 23.84 20.06 10.73
N ARG A 189 23.55 21.34 10.94
CA ARG A 189 22.49 21.74 11.85
C ARG A 189 21.52 22.45 10.94
N VAL A 190 20.30 21.97 10.86
CA VAL A 190 19.32 22.60 10.01
C VAL A 190 18.10 22.83 10.85
N LEU A 191 17.45 23.96 10.63
CA LEU A 191 16.19 24.23 11.28
C LEU A 191 15.17 24.31 10.16
N THR A 192 14.04 23.62 10.22
CA THR A 192 12.96 23.84 9.28
C THR A 192 11.88 24.48 10.14
N VAL A 193 11.40 25.60 9.66
CA VAL A 193 10.40 26.42 10.33
C VAL A 193 9.08 26.16 9.65
N GLY A 194 8.14 25.67 10.40
CA GLY A 194 6.82 25.43 9.91
C GLY A 194 6.36 24.09 10.43
N GLY A 195 5.07 23.90 10.61
CA GLY A 195 4.61 22.61 11.04
C GLY A 195 3.85 21.90 9.94
N GLY A 196 3.84 22.38 8.69
CA GLY A 196 3.09 21.73 7.63
C GLY A 196 3.83 20.58 6.96
N PHE A 197 3.22 19.97 5.94
CA PHE A 197 3.81 18.79 5.32
C PHE A 197 5.17 19.02 4.69
N ILE A 198 5.45 20.17 4.05
CA ILE A 198 6.75 20.40 3.44
C ILE A 198 7.83 20.46 4.50
N SER A 199 7.57 21.07 5.64
CA SER A 199 8.57 21.17 6.68
C SER A 199 8.85 19.78 7.27
N VAL A 200 7.78 19.00 7.55
CA VAL A 200 7.92 17.65 8.09
C VAL A 200 8.59 16.69 7.09
N GLU A 201 8.30 16.73 5.79
CA GLU A 201 8.92 15.85 4.82
C GLU A 201 10.39 16.12 4.70
N PHE A 202 10.78 17.38 4.58
CA PHE A 202 12.21 17.70 4.48
C PHE A 202 12.95 17.44 5.76
N ALA A 203 12.29 17.48 6.92
CA ALA A 203 12.97 17.18 8.15
C ALA A 203 13.44 15.73 8.06
N GLY A 204 12.58 14.84 7.56
CA GLY A 204 12.89 13.43 7.36
C GLY A 204 14.03 13.24 6.34
N ILE A 205 14.05 13.97 5.22
CA ILE A 205 15.11 13.90 4.25
C ILE A 205 16.42 14.32 4.90
N PHE A 206 16.49 15.51 5.47
CA PHE A 206 17.70 16.00 6.10
C PHE A 206 18.23 15.08 7.21
N ASN A 207 17.34 14.46 7.97
CA ASN A 207 17.70 13.55 9.05
C ASN A 207 18.45 12.32 8.56
N ALA A 208 18.09 11.80 7.38
CA ALA A 208 18.73 10.60 6.88
C ALA A 208 20.07 10.85 6.22
N TYR A 209 20.25 12.05 5.67
CA TYR A 209 21.48 12.42 4.98
C TYR A 209 22.39 13.33 5.78
N LYS A 210 22.04 13.66 7.04
CA LYS A 210 22.85 14.56 7.86
C LYS A 210 24.23 13.98 8.07
N PRO A 211 25.27 14.80 8.25
CA PRO A 211 26.59 14.35 8.62
C PRO A 211 26.62 13.86 10.04
N LYS A 212 27.85 13.50 10.37
CA LYS A 212 28.26 12.97 11.67
C LYS A 212 27.64 13.66 12.87
N ASP A 213 28.03 14.91 13.21
CA ASP A 213 27.23 15.20 14.37
C ASP A 213 26.27 16.37 14.03
N GLY A 214 25.44 15.81 13.11
CA GLY A 214 24.24 16.44 12.55
C GLY A 214 23.05 16.37 13.50
N GLN A 215 22.19 17.37 13.36
CA GLN A 215 20.95 17.46 14.13
C GLN A 215 19.97 18.21 13.27
N VAL A 216 18.73 17.72 13.20
CA VAL A 216 17.66 18.38 12.49
C VAL A 216 16.71 18.84 13.57
N THR A 217 16.27 20.09 13.44
CA THR A 217 15.31 20.67 14.36
C THR A 217 14.17 21.22 13.50
N LEU A 218 12.96 21.00 13.96
CA LEU A 218 11.75 21.51 13.33
C LEU A 218 11.18 22.47 14.37
N CYS A 219 10.74 23.69 14.05
CA CYS A 219 10.05 24.49 15.04
C CYS A 219 8.75 24.94 14.40
N TYR A 220 7.73 25.00 15.23
CA TYR A 220 6.42 25.42 14.81
C TYR A 220 5.96 26.34 15.91
N ARG A 221 5.33 27.45 15.54
CA ARG A 221 4.86 28.40 16.52
C ARG A 221 3.63 27.92 17.28
N GLY A 222 2.83 27.03 16.69
CA GLY A 222 1.64 26.52 17.38
C GLY A 222 1.95 25.34 18.28
N GLU A 223 0.88 24.67 18.74
CA GLU A 223 0.98 23.61 19.74
C GLU A 223 1.53 22.26 19.27
N MET A 224 1.23 21.84 18.03
CA MET A 224 1.63 20.55 17.50
C MET A 224 1.71 20.67 15.99
N ILE A 225 2.62 19.89 15.41
CA ILE A 225 2.80 19.84 13.96
C ILE A 225 1.54 19.35 13.26
N LEU A 226 1.50 19.60 11.96
CA LEU A 226 0.41 19.22 11.08
C LEU A 226 -0.98 19.61 11.50
N ARG A 227 -1.15 20.92 11.73
CA ARG A 227 -2.44 21.50 12.00
C ARG A 227 -3.30 21.16 10.79
N GLY A 228 -4.51 20.68 11.07
CA GLY A 228 -5.42 20.35 9.99
C GLY A 228 -5.55 18.86 9.80
N PHE A 229 -4.61 18.08 10.34
CA PHE A 229 -4.67 16.64 10.28
C PHE A 229 -5.30 16.12 11.57
N ASP A 230 -5.58 14.83 11.56
CA ASP A 230 -6.14 14.14 12.70
C ASP A 230 -5.22 14.26 13.89
N HIS A 231 -5.81 14.54 15.04
CA HIS A 231 -5.05 14.76 16.24
C HIS A 231 -4.25 13.56 16.72
N THR A 232 -4.72 12.32 16.59
CA THR A 232 -3.94 11.17 17.04
C THR A 232 -2.70 11.00 16.15
N LEU A 233 -2.90 11.22 14.85
CA LEU A 233 -1.81 11.12 13.89
C LEU A 233 -0.80 12.21 14.20
N ARG A 234 -1.23 13.43 14.54
CA ARG A 234 -0.31 14.49 14.94
C ARG A 234 0.51 14.13 16.17
N GLU A 235 -0.12 13.65 17.24
CA GLU A 235 0.60 13.27 18.45
C GLU A 235 1.59 12.15 18.18
N GLU A 236 1.10 11.10 17.51
CA GLU A 236 1.90 9.95 17.15
C GLU A 236 3.09 10.22 16.24
N LEU A 237 2.88 11.01 15.19
CA LEU A 237 3.96 11.33 14.28
C LEU A 237 5.00 12.12 15.03
N THR A 238 4.63 13.04 15.92
CA THR A 238 5.61 13.76 16.71
C THR A 238 6.43 12.77 17.52
N LYS A 239 5.79 11.79 18.18
CA LYS A 239 6.51 10.74 18.89
C LYS A 239 7.50 9.99 18.01
N GLN A 240 7.08 9.56 16.82
CA GLN A 240 7.94 8.74 15.98
C GLN A 240 9.07 9.51 15.33
N LEU A 241 8.87 10.78 14.97
CA LEU A 241 9.92 11.64 14.44
C LEU A 241 10.94 11.91 15.53
N THR A 242 10.47 12.20 16.74
CA THR A 242 11.35 12.45 17.87
C THR A 242 12.16 11.19 18.11
N ALA A 243 11.50 10.02 18.12
CA ALA A 243 12.18 8.76 18.34
C ALA A 243 13.26 8.51 17.30
N ASN A 244 13.17 9.12 16.12
CA ASN A 244 14.21 8.89 15.14
C ASN A 244 15.24 10.01 15.14
N GLY A 245 15.29 10.91 16.12
CA GLY A 245 16.40 11.87 16.20
C GLY A 245 16.09 13.31 15.83
N ILE A 246 14.89 13.63 15.34
CA ILE A 246 14.50 14.99 14.97
C ILE A 246 14.05 15.66 16.25
N GLN A 247 14.54 16.88 16.49
CA GLN A 247 14.13 17.62 17.66
C GLN A 247 13.01 18.52 17.22
N ILE A 248 11.87 18.45 17.88
CA ILE A 248 10.75 19.30 17.53
C ILE A 248 10.54 20.37 18.61
N LEU A 249 10.60 21.64 18.23
CA LEU A 249 10.40 22.78 19.11
C LEU A 249 9.06 23.38 18.74
N THR A 250 8.05 22.95 19.46
CA THR A 250 6.71 23.49 19.28
C THR A 250 6.58 24.77 20.14
N LYS A 251 5.62 25.65 19.88
CA LYS A 251 5.42 26.92 20.57
C LYS A 251 6.65 27.81 20.64
N GLU A 252 7.47 27.70 19.62
CA GLU A 252 8.63 28.54 19.49
C GLU A 252 8.39 29.30 18.21
N ASN A 253 8.74 30.57 18.18
CA ASN A 253 8.49 31.40 17.02
C ASN A 253 9.71 32.26 16.74
N PRO A 254 10.40 32.21 15.60
CA PRO A 254 11.59 33.01 15.31
C PRO A 254 11.35 34.52 15.36
N ALA A 255 12.23 35.27 16.04
CA ALA A 255 12.16 36.73 16.10
C ALA A 255 13.08 37.36 15.08
N LYS A 256 14.29 36.82 14.92
CA LYS A 256 15.22 37.33 13.93
C LYS A 256 16.24 36.25 13.66
N VAL A 257 16.87 36.36 12.49
CA VAL A 257 17.93 35.45 12.06
C VAL A 257 19.16 36.32 11.77
N GLU A 258 20.30 36.03 12.34
CA GLU A 258 21.46 36.80 11.95
C GLU A 258 22.62 35.90 11.67
N LEU A 259 23.41 36.40 10.75
CA LEU A 259 24.55 35.70 10.21
C LEU A 259 25.79 35.90 11.08
N ASN A 260 26.26 34.82 11.67
CA ASN A 260 27.47 34.82 12.48
C ASN A 260 28.68 34.88 11.59
N ALA A 261 29.82 35.41 12.07
CA ALA A 261 31.04 35.57 11.29
C ALA A 261 31.55 34.37 10.49
N ASP A 262 31.38 33.16 11.04
CA ASP A 262 31.80 31.94 10.36
C ASP A 262 30.85 31.49 9.24
N GLY A 263 29.65 32.03 9.22
CA GLY A 263 28.68 31.65 8.22
C GLY A 263 27.46 31.02 8.85
N SER A 264 27.52 30.53 10.10
CA SER A 264 26.34 29.96 10.72
C SER A 264 25.28 31.02 10.95
N LYS A 265 24.04 30.61 11.06
CA LYS A 265 22.97 31.54 11.34
C LYS A 265 22.60 31.30 12.78
N SER A 266 22.27 32.40 13.42
CA SER A 266 21.91 32.43 14.81
C SER A 266 20.44 32.82 14.81
N VAL A 267 19.54 32.03 15.40
CA VAL A 267 18.12 32.33 15.39
C VAL A 267 17.73 32.66 16.81
N THR A 268 17.14 33.83 17.04
CA THR A 268 16.62 34.15 18.34
C THR A 268 15.13 33.98 18.21
N PHE A 269 14.55 33.26 19.13
CA PHE A 269 13.13 33.05 19.16
C PHE A 269 12.55 34.11 20.09
N GLU A 270 11.27 34.42 19.89
CA GLU A 270 10.51 35.31 20.73
C GLU A 270 10.50 34.99 22.21
N SER A 271 10.93 33.81 22.59
CA SER A 271 10.96 33.46 23.99
C SER A 271 12.32 33.81 24.58
N GLY A 272 13.22 34.40 23.81
CA GLY A 272 14.57 34.71 24.26
C GLY A 272 15.53 33.56 23.97
N LYS A 273 15.00 32.37 23.65
CA LYS A 273 15.82 31.21 23.33
C LYS A 273 16.59 31.53 22.05
N LYS A 274 17.83 31.11 21.91
CA LYS A 274 18.63 31.47 20.75
C LYS A 274 19.41 30.22 20.35
N MET A 275 19.56 29.88 19.06
CA MET A 275 20.28 28.68 18.64
C MET A 275 21.02 28.88 17.34
N ASP A 276 22.10 28.13 17.07
CA ASP A 276 22.83 28.25 15.81
C ASP A 276 22.59 27.03 14.94
N PHE A 277 22.48 27.28 13.65
CA PHE A 277 22.24 26.29 12.63
C PHE A 277 23.12 26.65 11.44
N ASP A 278 23.40 25.70 10.55
CA ASP A 278 24.11 26.02 9.33
C ASP A 278 23.10 26.32 8.24
N LEU A 279 21.84 25.90 8.36
CA LEU A 279 20.86 26.21 7.34
C LEU A 279 19.54 26.44 8.02
N VAL A 280 18.76 27.41 7.56
CA VAL A 280 17.47 27.70 8.15
C VAL A 280 16.55 27.67 6.96
N MET A 281 15.54 26.80 6.97
CA MET A 281 14.63 26.68 5.85
C MET A 281 13.26 27.16 6.26
N MET A 282 12.65 28.09 5.54
CA MET A 282 11.30 28.54 5.85
C MET A 282 10.35 27.68 5.04
N ALA A 283 9.38 27.04 5.68
CA ALA A 283 8.34 26.29 5.00
C ALA A 283 7.05 26.56 5.77
N ILE A 284 6.74 27.85 5.85
CA ILE A 284 5.58 28.29 6.60
C ILE A 284 4.33 28.41 5.74
N GLY A 285 4.40 28.31 4.42
CA GLY A 285 3.18 28.35 3.63
C GLY A 285 3.50 28.75 2.22
N ARG A 286 2.53 28.65 1.33
CA ARG A 286 2.70 28.96 -0.06
C ARG A 286 1.56 29.87 -0.48
N SER A 287 1.84 30.84 -1.34
CA SER A 287 0.86 31.84 -1.71
C SER A 287 0.56 31.81 -3.20
N PRO A 288 -0.66 32.02 -3.72
CA PRO A 288 -0.96 32.15 -5.14
C PRO A 288 -0.05 33.12 -5.86
N ARG A 289 0.47 32.85 -7.06
CA ARG A 289 1.31 33.80 -7.76
C ARG A 289 0.46 34.69 -8.64
N THR A 290 -0.08 35.78 -8.12
CA THR A 290 -0.95 36.64 -8.91
C THR A 290 -0.32 37.97 -9.32
N LYS A 291 0.68 38.42 -8.56
CA LYS A 291 1.35 39.70 -8.72
C LYS A 291 1.77 40.08 -10.15
N ASP A 292 2.57 39.22 -10.76
CA ASP A 292 3.10 39.45 -12.09
C ASP A 292 2.04 39.34 -13.20
N LEU A 293 0.86 38.82 -12.90
CA LEU A 293 -0.12 38.60 -13.96
C LEU A 293 -0.76 39.87 -14.50
N GLN A 294 -0.68 40.97 -13.73
CA GLN A 294 -1.28 42.28 -14.04
C GLN A 294 -2.78 42.12 -14.26
N LEU A 295 -3.40 41.50 -13.27
CA LEU A 295 -4.81 41.16 -13.31
C LEU A 295 -5.74 42.35 -13.43
N GLN A 296 -5.27 43.50 -12.94
CA GLN A 296 -6.10 44.70 -13.01
C GLN A 296 -6.32 45.17 -14.45
N ASN A 297 -5.50 44.79 -15.43
CA ASN A 297 -5.76 45.14 -16.83
C ASN A 297 -6.99 44.50 -17.46
N ALA A 298 -7.52 43.48 -16.78
CA ALA A 298 -8.69 42.76 -17.25
C ALA A 298 -9.78 42.82 -16.21
N GLY A 299 -9.50 43.32 -15.00
CA GLY A 299 -10.53 43.46 -13.98
C GLY A 299 -10.78 42.20 -13.17
N VAL A 300 -9.79 41.30 -13.05
CA VAL A 300 -9.99 40.04 -12.35
C VAL A 300 -9.85 40.23 -10.86
N MET A 301 -10.87 39.77 -10.14
CA MET A 301 -10.91 39.86 -8.71
C MET A 301 -10.07 38.82 -8.03
N ILE A 302 -9.49 39.28 -6.94
CA ILE A 302 -8.68 38.47 -6.05
C ILE A 302 -9.42 38.39 -4.70
N LYS A 303 -9.60 37.24 -4.05
CA LYS A 303 -10.18 37.18 -2.71
C LYS A 303 -9.26 36.27 -1.93
N ASN A 304 -8.90 36.75 -0.75
CA ASN A 304 -7.94 36.15 0.17
C ASN A 304 -6.75 35.43 -0.48
N GLY A 305 -6.02 36.26 -1.23
CA GLY A 305 -4.77 35.87 -1.87
C GLY A 305 -4.87 35.32 -3.28
N GLY A 306 -5.89 34.52 -3.57
CA GLY A 306 -5.99 33.89 -4.87
C GLY A 306 -7.04 34.49 -5.77
N VAL A 307 -6.99 34.05 -7.02
CA VAL A 307 -7.94 34.49 -8.03
C VAL A 307 -9.27 33.88 -7.63
N GLN A 308 -10.31 34.73 -7.56
CA GLN A 308 -11.62 34.26 -7.16
C GLN A 308 -12.29 33.50 -8.31
N VAL A 309 -12.78 32.29 -8.14
CA VAL A 309 -13.44 31.53 -9.20
C VAL A 309 -14.69 30.97 -8.61
N ASP A 310 -15.63 30.62 -9.47
CA ASP A 310 -16.80 29.89 -9.02
C ASP A 310 -16.46 28.40 -9.07
N GLU A 311 -17.44 27.53 -8.82
CA GLU A 311 -17.23 26.09 -8.87
C GLU A 311 -16.77 25.55 -10.20
N TYR A 312 -17.04 26.27 -11.29
CA TYR A 312 -16.61 25.84 -12.61
C TYR A 312 -15.29 26.49 -13.02
N SER A 313 -14.58 27.11 -12.07
CA SER A 313 -13.31 27.78 -12.29
C SER A 313 -13.35 29.01 -13.21
N ARG A 314 -14.54 29.63 -13.32
CA ARG A 314 -14.71 30.88 -14.09
C ARG A 314 -14.41 32.09 -13.20
N THR A 315 -13.65 33.10 -13.64
CA THR A 315 -13.42 34.26 -12.79
C THR A 315 -14.65 35.16 -12.91
N ASN A 316 -14.60 36.34 -12.30
CA ASN A 316 -15.66 37.32 -12.42
C ASN A 316 -15.67 37.91 -13.83
N VAL A 317 -14.64 37.71 -14.65
CA VAL A 317 -14.52 38.29 -15.97
C VAL A 317 -14.73 37.17 -16.99
N SER A 318 -15.67 37.37 -17.92
CA SER A 318 -15.95 36.37 -18.91
C SER A 318 -14.75 36.07 -19.78
N ASN A 319 -14.66 34.79 -20.12
CA ASN A 319 -13.62 34.19 -20.94
C ASN A 319 -12.24 34.18 -20.27
N ILE A 320 -12.18 34.39 -18.96
CA ILE A 320 -10.95 34.27 -18.21
C ILE A 320 -11.29 33.30 -17.10
N TYR A 321 -10.41 32.32 -16.93
CA TYR A 321 -10.62 31.21 -16.00
C TYR A 321 -9.33 31.03 -15.23
N ALA A 322 -9.40 30.33 -14.12
CA ALA A 322 -8.22 30.09 -13.33
C ALA A 322 -8.38 28.73 -12.68
N ILE A 323 -7.32 27.93 -12.61
CA ILE A 323 -7.35 26.61 -11.96
C ILE A 323 -6.08 26.44 -11.18
N GLY A 324 -6.05 25.42 -10.32
CA GLY A 324 -4.84 25.05 -9.62
C GLY A 324 -4.58 25.89 -8.40
N ASP A 325 -3.35 25.91 -7.95
CA ASP A 325 -2.93 26.64 -6.77
C ASP A 325 -3.24 28.13 -6.75
N VAL A 326 -3.32 28.82 -7.89
CA VAL A 326 -3.62 30.23 -7.94
C VAL A 326 -5.06 30.47 -7.44
N THR A 327 -5.95 29.49 -7.39
CA THR A 327 -7.30 29.72 -6.91
C THR A 327 -7.43 29.49 -5.42
N ASN A 328 -6.35 29.05 -4.79
CA ASN A 328 -6.26 28.74 -3.38
C ASN A 328 -7.35 27.80 -2.85
N ARG A 329 -7.88 26.86 -3.65
CA ARG A 329 -8.82 25.88 -3.17
C ARG A 329 -8.05 24.68 -2.58
N VAL A 330 -7.69 23.57 -3.26
CA VAL A 330 -6.92 22.49 -2.62
C VAL A 330 -5.63 22.43 -3.43
N MET A 331 -4.50 22.70 -2.76
CA MET A 331 -3.22 22.75 -3.45
C MET A 331 -2.51 21.40 -3.61
N LEU A 332 -3.04 20.58 -4.50
CA LEU A 332 -2.54 19.24 -4.78
C LEU A 332 -2.53 19.04 -6.28
N THR A 333 -1.50 18.45 -6.88
CA THR A 333 -1.47 18.20 -8.33
C THR A 333 -2.71 17.49 -8.90
N PRO A 334 -3.26 16.36 -8.39
CA PRO A 334 -4.39 15.69 -9.00
C PRO A 334 -5.62 16.57 -9.01
N VAL A 335 -5.79 17.43 -8.01
CA VAL A 335 -6.88 18.41 -7.99
C VAL A 335 -6.73 19.41 -9.13
N ALA A 336 -5.52 19.93 -9.39
CA ALA A 336 -5.28 20.87 -10.47
C ALA A 336 -5.53 20.23 -11.83
N ILE A 337 -5.11 18.96 -12.00
CA ILE A 337 -5.37 18.21 -13.22
C ILE A 337 -6.87 18.03 -13.45
N ASN A 338 -7.61 17.63 -12.44
CA ASN A 338 -9.05 17.39 -12.54
C ASN A 338 -9.82 18.66 -12.91
N GLU A 339 -9.49 19.76 -12.23
CA GLU A 339 -10.05 21.07 -12.55
C GLU A 339 -9.76 21.50 -13.97
N ALA A 340 -8.54 21.25 -14.45
CA ALA A 340 -8.18 21.58 -15.81
C ALA A 340 -9.04 20.86 -16.84
N ALA A 341 -9.26 19.57 -16.64
CA ALA A 341 -10.05 18.76 -17.56
C ALA A 341 -11.54 19.12 -17.47
N ALA A 342 -12.08 19.37 -16.27
CA ALA A 342 -13.46 19.85 -16.11
C ALA A 342 -13.68 21.21 -16.80
N LEU A 343 -12.73 22.14 -16.63
CA LEU A 343 -12.78 23.46 -17.24
C LEU A 343 -12.77 23.38 -18.75
N VAL A 344 -11.89 22.64 -19.40
CA VAL A 344 -11.88 22.54 -20.86
C VAL A 344 -13.16 21.88 -21.40
N ASP A 345 -13.74 20.92 -20.68
CA ASP A 345 -15.01 20.34 -21.06
C ASP A 345 -16.11 21.38 -20.92
N THR A 346 -16.24 22.14 -19.83
CA THR A 346 -17.23 23.20 -19.68
C THR A 346 -17.16 24.25 -20.78
N VAL A 347 -15.95 24.72 -21.11
CA VAL A 347 -15.75 25.78 -22.10
C VAL A 347 -15.80 25.32 -23.55
N PHE A 348 -15.06 24.27 -23.95
CA PHE A 348 -15.11 23.86 -25.34
C PHE A 348 -16.05 22.71 -25.58
N GLY A 349 -16.42 21.96 -24.56
CA GLY A 349 -17.31 20.84 -24.71
C GLY A 349 -18.75 21.27 -24.51
N THR A 350 -19.59 20.27 -24.71
CA THR A 350 -21.03 20.42 -24.63
C THR A 350 -21.63 20.32 -23.23
N THR A 351 -20.93 19.65 -22.32
CA THR A 351 -21.44 19.48 -20.98
C THR A 351 -20.53 20.13 -19.95
N PRO A 352 -21.03 21.08 -19.15
CA PRO A 352 -20.36 21.71 -18.02
C PRO A 352 -19.98 20.68 -16.97
N ARG A 353 -18.74 20.72 -16.49
CA ARG A 353 -18.21 19.75 -15.56
C ARG A 353 -17.55 20.55 -14.44
N LYS A 354 -17.68 20.13 -13.18
CA LYS A 354 -16.94 20.74 -12.07
C LYS A 354 -16.28 19.69 -11.22
N THR A 355 -15.19 20.06 -10.58
CA THR A 355 -14.45 19.20 -9.68
C THR A 355 -15.08 19.19 -8.28
N ASP A 356 -15.15 18.02 -7.71
CA ASP A 356 -15.55 17.81 -6.35
C ASP A 356 -14.25 17.85 -5.58
N HIS A 357 -14.25 18.83 -4.71
CA HIS A 357 -13.13 19.06 -3.82
C HIS A 357 -13.35 18.41 -2.48
N THR A 358 -14.47 17.74 -2.19
CA THR A 358 -14.61 17.05 -0.91
C THR A 358 -14.05 15.63 -1.07
N ARG A 359 -13.74 14.95 0.05
CA ARG A 359 -13.30 13.56 0.06
C ARG A 359 -12.11 13.23 -0.84
N VAL A 360 -11.19 14.19 -0.97
CA VAL A 360 -9.97 14.03 -1.74
C VAL A 360 -8.95 13.36 -0.80
N ALA A 361 -8.37 12.26 -1.23
CA ALA A 361 -7.39 11.55 -0.42
C ALA A 361 -6.03 12.17 -0.67
N SER A 362 -5.16 12.19 0.33
CA SER A 362 -3.85 12.80 0.17
C SER A 362 -2.89 12.11 1.10
N ALA A 363 -1.60 12.38 1.00
CA ALA A 363 -0.63 11.71 1.84
C ALA A 363 0.40 12.72 2.33
N VAL A 364 1.07 12.45 3.44
CA VAL A 364 2.21 13.23 3.86
C VAL A 364 3.31 12.18 3.82
N PHE A 365 4.35 12.38 3.04
CA PHE A 365 5.44 11.42 2.99
C PHE A 365 6.45 11.67 4.08
N SER A 366 5.99 11.67 5.32
CA SER A 366 6.92 11.73 6.43
C SER A 366 7.45 10.31 6.58
N ILE A 367 8.39 10.04 7.48
CA ILE A 367 8.88 8.71 7.73
C ILE A 367 8.51 8.47 9.19
N PRO A 368 7.47 7.71 9.60
CA PRO A 368 6.53 6.97 8.77
C PRO A 368 5.49 7.87 8.13
N PRO A 369 4.85 7.46 7.02
CA PRO A 369 3.95 8.31 6.29
C PRO A 369 2.53 8.37 6.82
N ILE A 370 1.74 9.29 6.27
CA ILE A 370 0.35 9.48 6.63
C ILE A 370 -0.49 9.32 5.36
N GLY A 371 -1.65 8.68 5.43
CA GLY A 371 -2.57 8.61 4.31
C GLY A 371 -3.88 9.10 4.88
N THR A 372 -4.61 10.04 4.28
CA THR A 372 -5.83 10.58 4.85
C THR A 372 -6.89 10.88 3.78
N CYS A 373 -8.16 10.65 4.08
CA CYS A 373 -9.24 11.01 3.20
C CYS A 373 -10.38 11.44 4.11
N GLY A 374 -11.12 12.48 3.71
CA GLY A 374 -12.27 12.99 4.43
C GLY A 374 -11.95 13.82 5.68
N LEU A 375 -13.02 13.97 6.44
CA LEU A 375 -13.07 14.78 7.64
C LEU A 375 -12.35 14.27 8.85
N ILE A 376 -11.72 15.19 9.58
CA ILE A 376 -11.17 14.90 10.89
C ILE A 376 -12.32 15.15 11.88
N GLU A 377 -12.35 14.48 13.04
CA GLU A 377 -13.49 14.54 13.96
C GLU A 377 -13.92 15.90 14.47
N GLU A 378 -12.98 16.82 14.72
CA GLU A 378 -13.30 18.14 15.21
C GLU A 378 -14.20 18.86 14.24
N VAL A 379 -14.10 18.70 12.91
CA VAL A 379 -15.02 19.42 12.05
C VAL A 379 -16.23 18.54 11.81
N ALA A 380 -16.11 17.22 11.86
CA ALA A 380 -17.26 16.38 11.62
C ALA A 380 -18.26 16.53 12.75
N SER A 381 -17.77 16.59 13.99
CA SER A 381 -18.61 16.75 15.16
C SER A 381 -19.31 18.09 15.23
N LYS A 382 -18.84 19.05 14.46
CA LYS A 382 -19.52 20.32 14.37
C LYS A 382 -20.51 20.31 13.24
N ARG A 383 -20.43 19.38 12.30
CA ARG A 383 -21.39 19.35 11.21
C ARG A 383 -22.42 18.25 11.42
N TYR A 384 -22.16 17.32 12.31
CA TYR A 384 -23.02 16.16 12.50
C TYR A 384 -23.31 16.08 13.98
N GLU A 385 -24.56 15.73 14.29
CA GLU A 385 -24.96 15.60 15.68
C GLU A 385 -24.37 14.39 16.39
N VAL A 386 -24.28 13.22 15.76
CA VAL A 386 -23.62 12.10 16.41
C VAL A 386 -22.58 11.48 15.48
N VAL A 387 -21.35 11.47 15.98
CA VAL A 387 -20.19 10.99 15.26
C VAL A 387 -19.57 9.84 16.05
N ALA A 388 -19.22 8.73 15.39
CA ALA A 388 -18.57 7.59 16.02
C ALA A 388 -17.13 7.56 15.56
N VAL A 389 -16.19 7.32 16.46
CA VAL A 389 -14.79 7.26 16.09
C VAL A 389 -14.32 5.86 16.42
N TYR A 390 -13.79 5.15 15.41
CA TYR A 390 -13.22 3.81 15.54
C TYR A 390 -11.74 4.04 15.47
N LEU A 391 -11.00 3.53 16.42
CA LEU A 391 -9.58 3.78 16.48
C LEU A 391 -8.91 2.44 16.70
N SER A 392 -7.80 2.19 16.04
CA SER A 392 -7.08 0.95 16.22
C SER A 392 -5.61 1.31 16.09
N SER A 393 -4.75 1.00 17.02
CA SER A 393 -3.32 1.24 16.84
C SER A 393 -2.63 -0.03 17.28
N PHE A 394 -1.58 -0.45 16.59
CA PHE A 394 -0.92 -1.73 16.86
C PHE A 394 0.51 -1.67 16.33
N THR A 395 1.45 -2.42 16.88
CA THR A 395 2.78 -2.44 16.28
C THR A 395 2.75 -3.55 15.25
N PRO A 396 3.05 -3.30 13.97
CA PRO A 396 3.18 -4.35 12.96
C PRO A 396 4.21 -5.36 13.47
N LEU A 397 3.99 -6.67 13.28
CA LEU A 397 4.92 -7.66 13.80
C LEU A 397 6.33 -7.48 13.26
N MET A 398 6.40 -7.05 12.00
CA MET A 398 7.65 -6.70 11.38
C MET A 398 8.46 -5.74 12.23
N HIS A 399 7.81 -4.77 12.87
CA HIS A 399 8.53 -3.81 13.69
C HIS A 399 8.73 -4.25 15.10
N LYS A 400 7.96 -5.26 15.52
CA LYS A 400 8.23 -5.88 16.80
C LYS A 400 9.60 -6.58 16.68
N VAL A 401 9.98 -7.11 15.50
CA VAL A 401 11.27 -7.79 15.30
C VAL A 401 12.32 -6.91 14.63
N SER A 402 11.97 -5.83 13.93
CA SER A 402 13.02 -5.08 13.26
C SER A 402 13.82 -4.18 14.16
N GLY A 403 13.29 -3.94 15.36
CA GLY A 403 13.91 -3.03 16.31
C GLY A 403 13.13 -1.73 16.45
N SER A 404 12.41 -1.31 15.42
CA SER A 404 11.63 -0.08 15.51
C SER A 404 10.26 -0.33 16.10
N LYS A 405 10.25 -0.70 17.38
CA LYS A 405 8.98 -1.00 18.03
C LYS A 405 8.18 0.23 18.39
N TYR A 406 8.75 1.41 18.17
CA TYR A 406 8.00 2.66 18.29
C TYR A 406 7.14 2.96 17.06
N LYS A 407 7.23 2.14 16.02
CA LYS A 407 6.47 2.38 14.82
C LYS A 407 5.09 1.76 14.90
N THR A 408 4.26 2.42 15.70
CA THR A 408 2.86 2.07 15.85
C THR A 408 2.09 2.41 14.56
N PHE A 409 1.23 1.50 14.08
CA PHE A 409 0.35 1.76 12.96
C PHE A 409 -0.92 2.29 13.59
N VAL A 410 -1.51 3.38 13.10
CA VAL A 410 -2.71 3.96 13.67
C VAL A 410 -3.73 4.01 12.53
N ALA A 411 -4.92 3.45 12.73
CA ALA A 411 -5.95 3.46 11.72
C ALA A 411 -7.14 4.07 12.43
N LYS A 412 -7.73 5.09 11.85
CA LYS A 412 -8.87 5.74 12.47
C LYS A 412 -9.96 5.98 11.47
N ILE A 413 -11.18 5.59 11.76
CA ILE A 413 -12.31 5.76 10.85
C ILE A 413 -13.33 6.60 11.63
N ILE A 414 -13.87 7.68 11.07
CA ILE A 414 -14.89 8.40 11.80
C ILE A 414 -16.14 8.34 10.93
N THR A 415 -17.32 8.12 11.51
CA THR A 415 -18.55 8.03 10.73
C THR A 415 -19.67 8.94 11.23
N ASN A 416 -20.67 9.17 10.37
CA ASN A 416 -21.88 9.81 10.80
C ASN A 416 -22.62 8.62 11.41
N HIS A 417 -22.64 8.55 12.73
CA HIS A 417 -23.24 7.43 13.43
C HIS A 417 -24.73 7.26 13.17
N SER A 418 -25.48 8.27 12.73
CA SER A 418 -26.89 8.08 12.48
C SER A 418 -27.16 7.14 11.32
N ASP A 419 -26.25 7.05 10.34
CA ASP A 419 -26.48 6.11 9.27
C ASP A 419 -25.27 5.25 8.92
N GLY A 420 -24.17 5.39 9.66
CA GLY A 420 -23.00 4.57 9.42
C GLY A 420 -22.12 5.04 8.28
N THR A 421 -22.40 6.13 7.58
CA THR A 421 -21.57 6.65 6.49
C THR A 421 -20.18 7.06 6.97
N VAL A 422 -19.15 6.54 6.32
CA VAL A 422 -17.77 6.88 6.67
C VAL A 422 -17.48 8.28 6.13
N LEU A 423 -17.06 9.10 7.09
CA LEU A 423 -16.80 10.50 6.86
C LEU A 423 -15.31 10.80 6.72
N GLY A 424 -14.43 9.99 7.31
CA GLY A 424 -13.02 10.19 7.16
C GLY A 424 -12.29 8.94 7.60
N VAL A 425 -11.14 8.69 6.97
CA VAL A 425 -10.25 7.59 7.31
C VAL A 425 -8.85 8.21 7.37
N HIS A 426 -8.09 7.98 8.43
CA HIS A 426 -6.82 8.63 8.67
C HIS A 426 -5.82 7.55 9.08
N LEU A 427 -4.67 7.43 8.42
CA LEU A 427 -3.74 6.35 8.69
C LEU A 427 -2.34 6.85 8.88
N LEU A 428 -1.61 6.33 9.85
CA LEU A 428 -0.21 6.63 10.02
C LEU A 428 0.51 5.29 9.98
N GLY A 429 1.57 5.13 9.20
CA GLY A 429 2.35 3.92 9.21
C GLY A 429 2.83 3.58 7.82
N ASP A 430 3.70 2.58 7.73
CA ASP A 430 4.24 2.19 6.44
C ASP A 430 3.19 1.88 5.39
N ASN A 431 3.41 2.44 4.21
CA ASN A 431 2.54 2.25 3.06
C ASN A 431 1.20 2.91 3.19
N ALA A 432 0.90 3.72 4.22
CA ALA A 432 -0.39 4.40 4.31
C ALA A 432 -0.78 5.23 3.07
N PRO A 433 0.07 5.91 2.27
CA PRO A 433 -0.27 6.50 0.98
C PRO A 433 -0.85 5.53 -0.06
N GLU A 434 -0.34 4.31 -0.13
CA GLU A 434 -0.83 3.30 -1.06
C GLU A 434 -2.16 2.73 -0.56
N ILE A 435 -2.34 2.56 0.74
CA ILE A 435 -3.59 2.03 1.29
C ILE A 435 -4.71 3.05 1.08
N ILE A 436 -4.46 4.35 1.27
CA ILE A 436 -5.55 5.31 1.23
C ILE A 436 -6.13 5.47 -0.17
N GLN A 437 -5.47 5.11 -1.28
CA GLN A 437 -6.10 5.35 -2.56
C GLN A 437 -7.40 4.58 -2.74
N GLY A 438 -7.48 3.30 -2.36
CA GLY A 438 -8.67 2.49 -2.54
C GLY A 438 -9.77 3.00 -1.64
N ILE A 439 -9.40 3.51 -0.46
CA ILE A 439 -10.35 4.08 0.49
C ILE A 439 -10.94 5.35 -0.11
N GLY A 440 -10.18 6.14 -0.85
CA GLY A 440 -10.70 7.31 -1.52
C GLY A 440 -11.86 6.93 -2.45
N ILE A 441 -11.76 5.81 -3.18
CA ILE A 441 -12.84 5.35 -4.06
C ILE A 441 -14.02 4.95 -3.17
N CYS A 442 -13.82 4.33 -2.03
CA CYS A 442 -14.92 3.95 -1.17
C CYS A 442 -15.71 5.16 -0.66
N LEU A 443 -15.06 6.28 -0.30
CA LEU A 443 -15.77 7.45 0.21
C LEU A 443 -16.56 8.07 -0.91
N LYS A 444 -16.01 8.07 -2.12
CA LYS A 444 -16.77 8.53 -3.27
C LYS A 444 -17.97 7.64 -3.51
N LEU A 445 -17.91 6.37 -3.12
CA LEU A 445 -19.04 5.47 -3.24
C LEU A 445 -20.02 5.59 -2.09
N ASN A 446 -19.75 6.41 -1.07
CA ASN A 446 -20.59 6.57 0.12
C ASN A 446 -20.72 5.28 0.91
N ALA A 447 -19.54 4.69 1.14
CA ALA A 447 -19.47 3.46 1.88
C ALA A 447 -19.85 3.69 3.33
N LYS A 448 -20.36 2.64 3.96
CA LYS A 448 -20.72 2.69 5.37
C LYS A 448 -19.72 1.84 6.12
N ILE A 449 -19.61 2.01 7.44
CA ILE A 449 -18.71 1.20 8.24
C ILE A 449 -19.02 -0.29 8.10
N SER A 450 -20.28 -0.68 7.89
CA SER A 450 -20.57 -2.09 7.70
C SER A 450 -19.99 -2.65 6.42
N ASP A 451 -19.87 -1.83 5.37
CA ASP A 451 -19.28 -2.26 4.12
C ASP A 451 -17.78 -2.46 4.32
N PHE A 452 -17.14 -1.77 5.26
CA PHE A 452 -15.76 -2.03 5.55
C PHE A 452 -15.70 -3.33 6.32
N TYR A 453 -16.38 -3.54 7.46
CA TYR A 453 -16.14 -4.79 8.16
C TYR A 453 -16.76 -6.06 7.61
N ASN A 454 -17.61 -5.91 6.60
CA ASN A 454 -18.13 -7.08 5.90
C ASN A 454 -17.24 -7.47 4.72
N THR A 455 -16.14 -6.77 4.44
CA THR A 455 -15.19 -7.19 3.43
C THR A 455 -14.19 -8.13 4.10
N ILE A 456 -13.79 -9.22 3.43
CA ILE A 456 -12.81 -10.11 4.01
C ILE A 456 -11.44 -9.48 3.75
N GLY A 457 -10.62 -9.56 4.78
CA GLY A 457 -9.31 -8.98 4.72
C GLY A 457 -8.32 -9.83 3.96
N VAL A 458 -7.26 -9.16 3.55
CA VAL A 458 -6.14 -9.78 2.88
C VAL A 458 -5.17 -9.97 4.04
N HIS A 459 -4.80 -11.19 4.42
CA HIS A 459 -3.93 -11.44 5.54
C HIS A 459 -2.55 -11.95 5.08
N PRO A 460 -1.40 -11.55 5.62
CA PRO A 460 -1.21 -10.51 6.62
C PRO A 460 -0.88 -9.13 6.06
N THR A 461 -1.73 -8.11 6.23
CA THR A 461 -1.35 -6.77 5.82
C THR A 461 -1.73 -5.81 6.92
N SER A 462 -1.27 -4.56 6.82
CA SER A 462 -1.73 -3.52 7.71
C SER A 462 -3.12 -3.10 7.30
N ALA A 463 -3.39 -3.00 5.99
CA ALA A 463 -4.68 -2.56 5.52
C ALA A 463 -5.86 -3.40 5.98
N GLU A 464 -5.74 -4.69 6.25
CA GLU A 464 -6.91 -5.48 6.64
C GLU A 464 -7.49 -5.02 7.98
N GLU A 465 -6.73 -4.27 8.77
CA GLU A 465 -7.21 -3.70 10.02
C GLU A 465 -8.42 -2.82 9.74
N LEU A 466 -8.49 -2.14 8.60
CA LEU A 466 -9.64 -1.33 8.26
C LEU A 466 -10.91 -2.14 8.11
N CYS A 467 -10.81 -3.46 7.94
CA CYS A 467 -11.96 -4.34 7.83
C CYS A 467 -12.23 -5.01 9.17
N SER A 468 -11.50 -4.70 10.24
CA SER A 468 -11.70 -5.33 11.53
C SER A 468 -12.32 -4.42 12.58
N MET A 469 -12.73 -3.19 12.23
CA MET A 469 -13.25 -2.22 13.19
C MET A 469 -14.78 -2.18 13.25
N ARG A 470 -15.37 -2.90 14.20
CA ARG A 470 -16.81 -3.04 14.33
C ARG A 470 -17.45 -2.17 15.40
N THR A 471 -16.69 -1.78 16.41
CA THR A 471 -17.21 -1.06 17.57
C THR A 471 -16.54 0.29 17.76
N PRO A 472 -17.27 1.41 17.88
CA PRO A 472 -16.71 2.73 18.17
C PRO A 472 -15.90 2.74 19.45
N SER A 473 -14.83 3.53 19.50
CA SER A 473 -14.09 3.73 20.75
C SER A 473 -14.85 4.77 21.57
N TYR A 474 -15.34 5.83 20.93
CA TYR A 474 -16.08 6.87 21.61
C TYR A 474 -16.94 7.56 20.60
N TYR A 475 -17.64 8.60 21.02
CA TYR A 475 -18.58 9.30 20.19
C TYR A 475 -18.51 10.78 20.48
N TYR A 476 -19.12 11.56 19.59
CA TYR A 476 -19.30 12.99 19.72
C TYR A 476 -20.78 13.27 19.55
N VAL A 477 -21.49 13.68 20.59
CA VAL A 477 -22.91 14.03 20.45
C VAL A 477 -22.93 15.53 20.66
N LYS A 478 -23.44 16.28 19.68
CA LYS A 478 -23.44 17.75 19.67
C LYS A 478 -22.09 18.33 20.12
N GLY A 479 -20.99 17.74 19.65
CA GLY A 479 -19.69 18.25 20.00
C GLY A 479 -19.12 17.72 21.31
N GLU A 480 -19.82 17.06 22.21
CA GLU A 480 -19.13 16.55 23.40
C GLU A 480 -18.97 15.05 23.32
N LYS A 481 -17.77 14.67 23.71
CA LYS A 481 -17.30 13.29 23.69
C LYS A 481 -18.03 12.44 24.69
N MET A 482 -18.68 11.39 24.22
CA MET A 482 -19.42 10.50 25.10
C MET A 482 -19.03 9.08 24.79
N GLU A 483 -19.23 8.20 25.75
CA GLU A 483 -18.91 6.79 25.62
C GLU A 483 -20.10 5.93 26.06
N LYS A 484 -20.17 4.69 25.59
CA LYS A 484 -21.19 3.71 26.00
C LYS A 484 -20.72 3.22 27.39
N PRO A 485 -21.61 3.02 28.40
CA PRO A 485 -21.32 2.50 29.75
C PRO A 485 -21.04 1.00 29.94
N ILE B 3 -22.50 -32.22 28.57
CA ILE B 3 -21.50 -31.52 29.37
C ILE B 3 -20.84 -30.36 28.62
N PHE B 4 -20.85 -30.38 27.30
CA PHE B 4 -20.31 -29.28 26.50
C PHE B 4 -21.37 -28.96 25.48
N ASP B 5 -21.37 -27.72 25.01
CA ASP B 5 -22.33 -27.26 24.02
C ASP B 5 -21.76 -27.34 22.62
N LEU B 6 -20.46 -27.08 22.53
CA LEU B 6 -19.76 -27.12 21.27
C LEU B 6 -18.38 -27.70 21.53
N VAL B 7 -17.99 -28.62 20.67
CA VAL B 7 -16.63 -29.14 20.70
C VAL B 7 -16.12 -28.78 19.31
N VAL B 8 -14.93 -28.20 19.28
CA VAL B 8 -14.30 -27.80 18.04
C VAL B 8 -13.09 -28.71 17.91
N ILE B 9 -12.98 -29.47 16.83
CA ILE B 9 -11.77 -30.24 16.60
C ILE B 9 -10.93 -29.32 15.70
N GLY B 10 -9.89 -28.75 16.29
CA GLY B 10 -9.01 -27.85 15.57
C GLY B 10 -8.98 -26.46 16.17
N ALA B 11 -7.85 -26.08 16.73
CA ALA B 11 -7.70 -24.77 17.34
C ALA B 11 -6.89 -23.86 16.43
N GLY B 12 -7.37 -23.67 15.20
CA GLY B 12 -6.70 -22.81 14.24
C GLY B 12 -7.50 -21.57 13.90
N SER B 13 -7.20 -20.91 12.77
CA SER B 13 -7.89 -19.70 12.35
C SER B 13 -9.41 -19.69 12.52
N GLY B 14 -10.07 -20.73 11.98
CA GLY B 14 -11.51 -20.85 12.07
C GLY B 14 -11.95 -21.40 13.43
N GLY B 15 -11.24 -22.39 13.95
CA GLY B 15 -11.61 -23.03 15.21
C GLY B 15 -11.63 -22.10 16.42
N LEU B 16 -10.50 -21.43 16.64
CA LEU B 16 -10.32 -20.45 17.71
C LEU B 16 -11.31 -19.31 17.56
N GLU B 17 -11.55 -18.82 16.34
CA GLU B 17 -12.54 -17.78 16.11
C GLU B 17 -13.91 -18.24 16.56
N ALA B 18 -14.43 -19.37 16.06
CA ALA B 18 -15.74 -19.88 16.46
C ALA B 18 -15.86 -20.18 17.96
N ALA B 19 -14.82 -20.75 18.56
CA ALA B 19 -14.79 -21.03 19.97
C ALA B 19 -14.93 -19.75 20.78
N TRP B 20 -14.13 -18.72 20.48
CA TRP B 20 -14.17 -17.48 21.21
C TRP B 20 -15.53 -16.83 21.02
N ASN B 21 -15.94 -16.66 19.77
CA ASN B 21 -17.18 -16.02 19.41
C ASN B 21 -18.38 -16.68 20.10
N ALA B 22 -18.35 -17.99 20.35
CA ALA B 22 -19.45 -18.69 21.02
C ALA B 22 -19.46 -18.49 22.53
N ALA B 23 -18.34 -18.80 23.19
CA ALA B 23 -18.18 -18.65 24.63
C ALA B 23 -18.34 -17.21 25.13
N THR B 24 -17.85 -16.24 24.36
CA THR B 24 -18.00 -14.85 24.71
C THR B 24 -19.38 -14.32 24.27
N LEU B 25 -19.74 -14.24 22.99
CA LEU B 25 -21.00 -13.63 22.61
C LEU B 25 -22.25 -14.37 23.03
N TYR B 26 -22.25 -15.70 22.96
CA TYR B 26 -23.46 -16.43 23.26
C TYR B 26 -23.36 -17.20 24.56
N LYS B 27 -22.27 -16.98 25.29
CA LYS B 27 -21.97 -17.60 26.58
C LYS B 27 -22.26 -19.10 26.70
N LYS B 28 -22.18 -19.83 25.57
CA LYS B 28 -22.31 -21.28 25.55
C LYS B 28 -20.93 -21.86 25.72
N ARG B 29 -20.86 -23.00 26.42
CA ARG B 29 -19.61 -23.63 26.83
C ARG B 29 -19.04 -24.57 25.77
N VAL B 30 -17.79 -24.39 25.37
CA VAL B 30 -17.12 -25.11 24.28
C VAL B 30 -15.75 -25.61 24.71
N ALA B 31 -15.40 -26.75 24.12
CA ALA B 31 -14.11 -27.38 24.29
C ALA B 31 -13.42 -27.38 22.93
N VAL B 32 -12.11 -27.17 22.81
CA VAL B 32 -11.41 -27.24 21.54
C VAL B 32 -10.23 -28.16 21.75
N ILE B 33 -9.88 -28.91 20.71
CA ILE B 33 -8.85 -29.93 20.76
C ILE B 33 -7.75 -29.56 19.78
N ASP B 34 -6.49 -29.78 20.13
CA ASP B 34 -5.39 -29.64 19.18
C ASP B 34 -4.22 -30.47 19.69
N VAL B 35 -3.42 -30.90 18.71
CA VAL B 35 -2.35 -31.83 18.95
C VAL B 35 -1.14 -31.23 19.63
N GLN B 36 -0.87 -29.93 19.57
CA GLN B 36 0.30 -29.37 20.21
C GLN B 36 -0.06 -28.01 20.77
N MET B 37 0.68 -27.63 21.81
CA MET B 37 0.59 -26.35 22.50
C MET B 37 1.47 -25.30 21.82
N VAL B 38 2.69 -25.70 21.50
CA VAL B 38 3.68 -24.82 20.90
C VAL B 38 4.00 -25.34 19.51
N HIS B 39 4.46 -24.47 18.64
CA HIS B 39 4.84 -24.80 17.26
C HIS B 39 6.04 -25.72 17.14
N GLY B 40 6.17 -26.36 15.99
CA GLY B 40 7.36 -27.13 15.70
C GLY B 40 7.13 -28.60 15.50
N PRO B 41 8.15 -29.34 15.09
CA PRO B 41 8.13 -30.80 15.00
C PRO B 41 7.76 -31.37 16.37
N PRO B 42 6.99 -32.45 16.53
CA PRO B 42 6.68 -33.41 15.48
C PRO B 42 5.52 -33.09 14.54
N PHE B 43 4.47 -32.45 15.02
CA PHE B 43 3.27 -32.23 14.23
C PHE B 43 3.20 -30.87 13.56
N PHE B 44 4.16 -29.98 13.83
CA PHE B 44 4.27 -28.65 13.23
C PHE B 44 3.20 -27.63 13.57
N SER B 45 1.96 -27.89 13.19
CA SER B 45 0.86 -27.03 13.56
C SER B 45 0.55 -27.29 15.03
N ALA B 46 0.02 -26.27 15.69
CA ALA B 46 -0.20 -26.28 17.11
C ALA B 46 -1.36 -25.37 17.39
N LEU B 47 -1.51 -24.94 18.65
CA LEU B 47 -2.52 -23.97 19.09
C LEU B 47 -2.25 -22.66 18.32
N GLY B 48 -3.28 -22.22 17.61
CA GLY B 48 -3.14 -21.08 16.74
C GLY B 48 -3.42 -21.50 15.31
N GLY B 49 -3.05 -22.73 14.93
CA GLY B 49 -3.32 -23.26 13.60
C GLY B 49 -2.17 -23.13 12.62
N THR B 50 -2.42 -23.57 11.39
CA THR B 50 -1.43 -23.51 10.31
C THR B 50 -0.91 -22.10 10.05
N CYS B 51 -1.79 -21.09 10.02
CA CYS B 51 -1.41 -19.71 9.75
C CYS B 51 -0.41 -19.17 10.77
N VAL B 52 -0.69 -19.36 12.04
CA VAL B 52 0.20 -18.85 13.06
C VAL B 52 1.50 -19.63 13.09
N ASN B 53 1.40 -20.96 12.97
CA ASN B 53 2.57 -21.81 13.20
C ASN B 53 3.46 -22.10 12.01
N VAL B 54 2.85 -22.47 10.88
CA VAL B 54 3.60 -22.81 9.66
C VAL B 54 2.91 -22.22 8.43
N GLY B 55 2.39 -20.98 8.49
CA GLY B 55 1.66 -20.40 7.38
C GLY B 55 1.95 -18.93 7.21
N CYS B 56 0.90 -18.11 7.09
CA CYS B 56 0.97 -16.66 6.93
C CYS B 56 1.96 -15.90 7.79
N VAL B 57 1.89 -16.06 9.12
CA VAL B 57 2.73 -15.26 10.02
C VAL B 57 4.22 -15.56 9.85
N PRO B 58 4.80 -16.75 10.07
CA PRO B 58 6.22 -16.98 9.79
C PRO B 58 6.60 -16.71 8.32
N LYS B 59 5.72 -17.03 7.36
CA LYS B 59 5.96 -16.75 5.95
C LYS B 59 6.19 -15.25 5.74
N LYS B 60 5.32 -14.40 6.28
CA LYS B 60 5.47 -12.97 6.12
C LYS B 60 6.78 -12.48 6.74
N LEU B 61 7.19 -12.93 7.93
CA LEU B 61 8.47 -12.49 8.49
C LEU B 61 9.61 -12.83 7.58
N MET B 62 9.58 -14.03 6.99
CA MET B 62 10.65 -14.50 6.14
C MET B 62 10.69 -13.78 4.80
N VAL B 63 9.53 -13.46 4.20
CA VAL B 63 9.52 -12.73 2.94
C VAL B 63 10.03 -11.30 3.18
N THR B 64 9.70 -10.67 4.32
CA THR B 64 10.21 -9.34 4.68
C THR B 64 11.72 -9.37 4.79
N GLY B 65 12.23 -10.43 5.43
CA GLY B 65 13.66 -10.62 5.55
C GLY B 65 14.26 -10.77 4.17
N ALA B 66 13.60 -11.49 3.26
CA ALA B 66 14.12 -11.69 1.92
C ALA B 66 14.07 -10.40 1.12
N GLN B 67 13.07 -9.52 1.32
CA GLN B 67 13.05 -8.25 0.58
C GLN B 67 14.22 -7.33 0.91
N TYR B 68 14.88 -7.47 2.07
CA TYR B 68 16.05 -6.67 2.35
C TYR B 68 17.17 -6.89 1.36
N MET B 69 17.26 -7.98 0.59
CA MET B 69 18.30 -8.10 -0.42
C MET B 69 18.03 -7.08 -1.50
N GLU B 70 16.76 -6.78 -1.70
CA GLU B 70 16.32 -5.80 -2.68
C GLU B 70 16.68 -4.39 -2.23
N HIS B 71 16.32 -4.07 -0.99
CA HIS B 71 16.59 -2.76 -0.41
C HIS B 71 18.06 -2.43 -0.37
N LEU B 72 18.85 -3.39 0.12
CA LEU B 72 20.29 -3.24 0.22
C LEU B 72 20.94 -3.06 -1.14
N ARG B 73 20.50 -3.73 -2.19
CA ARG B 73 21.06 -3.53 -3.52
C ARG B 73 20.64 -2.17 -4.11
N GLU B 74 19.33 -1.89 -4.01
CA GLU B 74 18.73 -0.69 -4.56
C GLU B 74 19.09 0.60 -3.83
N SER B 75 19.55 0.54 -2.56
CA SER B 75 19.93 1.73 -1.81
C SER B 75 21.04 2.49 -2.50
N ALA B 76 21.91 1.78 -3.22
CA ALA B 76 22.99 2.38 -3.96
C ALA B 76 22.52 3.39 -4.96
N GLY B 77 21.37 3.25 -5.60
CA GLY B 77 20.93 4.22 -6.60
C GLY B 77 20.56 5.56 -5.96
N PHE B 78 20.35 5.59 -4.66
CA PHE B 78 19.95 6.78 -3.94
C PHE B 78 21.10 7.33 -3.13
N GLY B 79 22.33 6.85 -3.34
CA GLY B 79 23.49 7.39 -2.66
C GLY B 79 23.94 6.67 -1.40
N TRP B 80 23.41 5.52 -1.00
CA TRP B 80 23.89 4.82 0.18
C TRP B 80 25.03 3.89 -0.20
N GLU B 81 26.22 4.14 0.35
CA GLU B 81 27.41 3.36 0.10
C GLU B 81 27.81 2.63 1.36
N PHE B 82 28.30 1.42 1.21
CA PHE B 82 28.88 0.67 2.32
C PHE B 82 29.76 -0.40 1.69
N ASP B 83 30.57 -1.07 2.50
CA ASP B 83 31.45 -2.09 1.97
C ASP B 83 30.60 -3.31 1.66
N ARG B 84 30.08 -3.37 0.45
CA ARG B 84 29.18 -4.43 0.08
C ARG B 84 29.76 -5.84 0.12
N THR B 85 31.09 -5.99 0.17
CA THR B 85 31.72 -7.29 0.30
C THR B 85 31.55 -7.83 1.71
N THR B 86 31.14 -7.06 2.71
CA THR B 86 30.95 -7.67 3.99
C THR B 86 29.52 -8.14 4.18
N LEU B 87 28.68 -8.05 3.15
CA LEU B 87 27.29 -8.39 3.32
C LEU B 87 27.07 -9.89 3.50
N ARG B 88 26.34 -10.28 4.53
CA ARG B 88 26.05 -11.66 4.86
C ARG B 88 24.58 -11.74 5.25
N ALA B 89 23.85 -12.75 4.78
CA ALA B 89 22.49 -13.01 5.22
C ALA B 89 22.62 -14.15 6.22
N GLU B 90 22.05 -14.04 7.40
CA GLU B 90 22.20 -15.06 8.43
C GLU B 90 20.88 -15.74 8.74
N TRP B 91 20.68 -16.86 8.03
CA TRP B 91 19.46 -17.64 8.11
C TRP B 91 19.09 -18.02 9.52
N LYS B 92 20.02 -18.40 10.39
CA LYS B 92 19.55 -18.78 11.71
C LYS B 92 19.14 -17.58 12.56
N ASN B 93 19.58 -16.34 12.28
CA ASN B 93 19.07 -15.21 13.04
C ASN B 93 17.60 -15.05 12.63
N LEU B 94 17.30 -15.13 11.33
CA LEU B 94 15.92 -15.09 10.89
C LEU B 94 15.08 -16.21 11.51
N ILE B 95 15.51 -17.48 11.49
CA ILE B 95 14.70 -18.57 12.06
C ILE B 95 14.51 -18.34 13.56
N ALA B 96 15.55 -17.90 14.28
CA ALA B 96 15.45 -17.61 15.71
C ALA B 96 14.42 -16.52 16.04
N VAL B 97 14.40 -15.39 15.30
CA VAL B 97 13.40 -14.36 15.58
C VAL B 97 12.01 -14.85 15.20
N LYS B 98 11.89 -15.61 14.11
CA LYS B 98 10.62 -16.19 13.70
C LYS B 98 10.09 -17.10 14.80
N ASP B 99 10.97 -17.95 15.36
CA ASP B 99 10.57 -18.87 16.41
C ASP B 99 10.01 -18.20 17.63
N GLU B 100 10.67 -17.10 18.02
CA GLU B 100 10.25 -16.32 19.16
C GLU B 100 8.91 -15.67 18.84
N ALA B 101 8.75 -15.06 17.68
CA ALA B 101 7.51 -14.41 17.31
C ALA B 101 6.35 -15.40 17.34
N VAL B 102 6.55 -16.63 16.85
CA VAL B 102 5.47 -17.62 16.85
C VAL B 102 5.17 -18.10 18.26
N LEU B 103 6.23 -18.35 19.05
CA LEU B 103 6.07 -18.82 20.42
C LEU B 103 5.22 -17.91 21.26
N ASN B 104 5.44 -16.60 21.12
CA ASN B 104 4.67 -15.62 21.86
C ASN B 104 3.21 -15.65 21.47
N ILE B 105 2.86 -16.01 20.23
CA ILE B 105 1.46 -16.10 19.81
C ILE B 105 0.86 -17.39 20.36
N ASN B 106 1.62 -18.49 20.44
CA ASN B 106 1.15 -19.74 21.04
C ASN B 106 0.84 -19.47 22.51
N LYS B 107 1.79 -18.90 23.27
CA LYS B 107 1.61 -18.52 24.68
C LYS B 107 0.40 -17.65 24.92
N SER B 108 0.24 -16.66 24.04
CA SER B 108 -0.90 -15.77 24.07
C SER B 108 -2.19 -16.57 24.05
N TYR B 109 -2.30 -17.53 23.13
CA TYR B 109 -3.51 -18.32 23.03
C TYR B 109 -3.75 -19.16 24.27
N ASP B 110 -2.68 -19.66 24.90
CA ASP B 110 -2.82 -20.42 26.13
C ASP B 110 -3.46 -19.55 27.20
N GLU B 111 -2.96 -18.32 27.41
CA GLU B 111 -3.54 -17.43 28.38
C GLU B 111 -5.01 -17.20 28.10
N MET B 112 -5.37 -17.03 26.83
CA MET B 112 -6.76 -16.83 26.44
C MET B 112 -7.63 -17.96 26.99
N PHE B 113 -7.20 -19.22 26.97
CA PHE B 113 -8.01 -20.28 27.56
C PHE B 113 -8.01 -20.16 29.07
N ARG B 114 -6.84 -20.00 29.72
CA ARG B 114 -6.70 -19.90 31.17
C ARG B 114 -7.51 -18.76 31.77
N ASP B 115 -7.92 -17.79 30.97
CA ASP B 115 -8.64 -16.64 31.48
C ASP B 115 -10.08 -16.51 30.98
N THR B 116 -10.56 -17.16 29.88
CA THR B 116 -11.91 -17.00 29.46
C THR B 116 -12.74 -18.16 29.98
N GLU B 117 -13.72 -17.91 30.84
CA GLU B 117 -14.54 -18.97 31.40
C GLU B 117 -15.47 -19.56 30.40
N GLY B 118 -15.63 -20.87 30.50
CA GLY B 118 -16.47 -21.61 29.58
C GLY B 118 -15.77 -22.13 28.28
N LEU B 119 -14.43 -21.94 28.22
CA LEU B 119 -13.64 -22.26 27.04
C LEU B 119 -12.56 -23.23 27.49
N GLU B 120 -12.57 -24.50 27.10
CA GLU B 120 -11.57 -25.45 27.57
C GLU B 120 -10.78 -26.10 26.47
N PHE B 121 -9.45 -26.10 26.58
CA PHE B 121 -8.56 -26.71 25.60
C PHE B 121 -8.22 -28.12 26.02
N PHE B 122 -8.23 -29.09 25.12
CA PHE B 122 -7.82 -30.46 25.42
C PHE B 122 -6.71 -30.83 24.45
N LEU B 123 -5.55 -31.24 24.96
CA LEU B 123 -4.43 -31.63 24.12
C LEU B 123 -4.63 -33.08 23.65
N GLY B 124 -4.52 -33.31 22.36
CA GLY B 124 -4.62 -34.65 21.80
C GLY B 124 -5.24 -34.63 20.43
N TRP B 125 -5.70 -35.79 19.97
CA TRP B 125 -6.30 -35.93 18.65
C TRP B 125 -7.79 -36.19 18.83
N GLY B 126 -8.64 -35.33 18.31
CA GLY B 126 -10.07 -35.54 18.44
C GLY B 126 -10.57 -36.38 17.27
N SER B 127 -11.60 -37.17 17.50
CA SER B 127 -12.25 -37.97 16.48
C SER B 127 -13.66 -38.26 16.94
N LEU B 128 -14.55 -38.55 15.99
CA LEU B 128 -15.93 -38.83 16.31
C LEU B 128 -16.14 -40.25 16.78
N GLU B 129 -16.72 -40.42 17.98
CA GLU B 129 -17.12 -41.71 18.48
C GLU B 129 -18.53 -41.90 17.96
N SER B 130 -19.35 -40.85 17.97
CA SER B 130 -20.69 -40.91 17.43
C SER B 130 -21.10 -39.45 17.21
N LYS B 131 -22.33 -39.22 16.75
CA LYS B 131 -22.86 -37.88 16.54
C LYS B 131 -22.68 -36.95 17.73
N ASN B 132 -22.69 -37.45 18.97
CA ASN B 132 -22.63 -36.57 20.14
C ASN B 132 -21.45 -36.78 21.04
N VAL B 133 -20.52 -37.66 20.66
CA VAL B 133 -19.38 -37.93 21.51
C VAL B 133 -18.11 -37.83 20.68
N VAL B 134 -17.17 -37.05 21.21
CA VAL B 134 -15.87 -36.83 20.62
C VAL B 134 -14.84 -37.38 21.59
N ASN B 135 -13.85 -38.12 21.09
CA ASN B 135 -12.82 -38.64 21.96
C ASN B 135 -11.54 -37.91 21.70
N VAL B 136 -10.78 -37.68 22.76
CA VAL B 136 -9.48 -37.05 22.67
C VAL B 136 -8.58 -38.25 22.92
N ARG B 137 -8.02 -38.83 21.87
CA ARG B 137 -7.09 -39.92 22.03
C ARG B 137 -5.69 -39.33 22.09
N GLU B 138 -4.68 -40.18 22.15
CA GLU B 138 -3.32 -39.72 22.37
C GLU B 138 -2.44 -39.84 21.14
N SER B 139 -3.00 -40.30 20.04
CA SER B 139 -2.29 -40.49 18.79
C SER B 139 -3.37 -40.50 17.72
N ALA B 140 -2.92 -40.36 16.48
CA ALA B 140 -3.81 -40.36 15.33
C ALA B 140 -4.43 -41.74 15.13
N ASP B 141 -3.75 -42.79 15.62
CA ASP B 141 -4.25 -44.15 15.49
C ASP B 141 -5.46 -44.35 16.40
N PRO B 142 -6.63 -44.74 15.87
CA PRO B 142 -7.87 -44.93 16.62
C PRO B 142 -7.91 -46.06 17.66
N ALA B 143 -6.75 -46.51 18.11
CA ALA B 143 -6.66 -47.54 19.11
C ALA B 143 -5.80 -46.98 20.24
N SER B 144 -5.39 -45.72 20.22
CA SER B 144 -4.60 -45.22 21.32
C SER B 144 -5.50 -44.91 22.51
N ALA B 145 -4.88 -44.79 23.69
CA ALA B 145 -5.57 -44.49 24.92
C ALA B 145 -6.44 -43.25 24.86
N VAL B 146 -7.74 -43.42 25.13
CA VAL B 146 -8.66 -42.30 25.17
C VAL B 146 -8.31 -41.54 26.43
N LYS B 147 -7.82 -40.34 26.16
CA LYS B 147 -7.39 -39.39 27.17
C LYS B 147 -8.63 -38.70 27.75
N GLU B 148 -9.61 -38.27 26.95
CA GLU B 148 -10.83 -37.63 27.45
C GLU B 148 -11.99 -38.08 26.56
N ARG B 149 -13.23 -38.10 27.04
CA ARG B 149 -14.40 -38.45 26.23
C ARG B 149 -15.32 -37.26 26.47
N LEU B 150 -15.73 -36.57 25.41
CA LEU B 150 -16.51 -35.35 25.52
C LEU B 150 -17.87 -35.51 24.89
N GLU B 151 -18.94 -35.33 25.67
CA GLU B 151 -20.28 -35.38 25.13
C GLU B 151 -20.75 -33.97 24.89
N THR B 152 -21.16 -33.73 23.67
CA THR B 152 -21.55 -32.40 23.28
C THR B 152 -22.85 -32.38 22.51
N GLU B 153 -23.42 -31.19 22.63
CA GLU B 153 -24.63 -30.81 21.96
C GLU B 153 -24.29 -30.37 20.54
N HIS B 154 -23.05 -30.08 20.12
CA HIS B 154 -22.72 -29.69 18.75
C HIS B 154 -21.26 -29.96 18.49
N ILE B 155 -20.88 -30.27 17.26
CA ILE B 155 -19.47 -30.47 16.89
C ILE B 155 -19.12 -29.62 15.68
N LEU B 156 -17.96 -28.98 15.72
CA LEU B 156 -17.44 -28.24 14.59
C LEU B 156 -16.10 -28.86 14.24
N LEU B 157 -15.94 -29.18 12.97
CA LEU B 157 -14.72 -29.75 12.44
C LEU B 157 -13.95 -28.59 11.83
N ALA B 158 -12.70 -28.43 12.24
CA ALA B 158 -11.87 -27.34 11.75
C ALA B 158 -10.41 -27.80 11.70
N SER B 159 -10.19 -29.01 11.17
CA SER B 159 -8.88 -29.67 11.13
C SER B 159 -7.88 -29.17 10.11
N GLY B 160 -8.36 -28.36 9.17
CA GLY B 160 -7.51 -27.76 8.17
C GLY B 160 -7.11 -28.69 7.04
N SER B 161 -5.92 -28.45 6.52
CA SER B 161 -5.40 -29.24 5.43
C SER B 161 -3.97 -29.63 5.78
N TRP B 162 -3.31 -30.39 4.90
CA TRP B 162 -1.97 -30.87 5.15
C TRP B 162 -1.30 -30.98 3.80
N PRO B 163 0.03 -30.87 3.60
CA PRO B 163 0.66 -30.94 2.29
C PRO B 163 0.39 -32.26 1.57
N HIS B 164 0.30 -32.30 0.25
CA HIS B 164 0.12 -33.56 -0.45
C HIS B 164 1.46 -33.94 -1.04
N MET B 165 2.03 -35.06 -0.63
CA MET B 165 3.30 -35.56 -1.17
C MET B 165 3.00 -36.57 -2.26
N PRO B 166 3.53 -36.50 -3.48
CA PRO B 166 3.30 -37.50 -4.52
C PRO B 166 3.97 -38.84 -4.23
N ASN B 167 3.41 -39.94 -4.68
CA ASN B 167 3.95 -41.26 -4.44
C ASN B 167 4.94 -41.49 -5.56
N ILE B 168 6.16 -41.00 -5.41
CA ILE B 168 7.18 -41.25 -6.40
C ILE B 168 8.30 -41.92 -5.64
N PRO B 169 9.18 -42.69 -6.30
CA PRO B 169 10.38 -43.21 -5.66
C PRO B 169 11.30 -42.13 -5.11
N GLY B 170 11.53 -42.22 -3.80
CA GLY B 170 12.43 -41.31 -3.12
C GLY B 170 11.77 -40.11 -2.45
N ILE B 171 10.45 -40.07 -2.35
CA ILE B 171 9.73 -38.97 -1.72
C ILE B 171 10.10 -38.79 -0.24
N GLU B 172 10.78 -39.76 0.40
CA GLU B 172 11.22 -39.60 1.78
C GLU B 172 12.47 -38.73 1.88
N HIS B 173 13.08 -38.39 0.74
CA HIS B 173 14.22 -37.47 0.70
C HIS B 173 13.78 -36.03 0.41
N CYS B 174 12.48 -35.82 0.35
CA CYS B 174 11.87 -34.53 0.06
C CYS B 174 11.22 -33.96 1.32
N ILE B 175 11.00 -32.64 1.39
CA ILE B 175 10.30 -32.06 2.53
C ILE B 175 9.07 -31.35 1.99
N SER B 176 8.20 -30.91 2.89
CA SER B 176 7.10 -30.03 2.54
C SER B 176 7.45 -28.62 3.06
N SER B 177 6.50 -27.68 3.02
CA SER B 177 6.74 -26.34 3.54
C SER B 177 6.89 -26.38 5.05
N ASN B 178 6.20 -27.29 5.75
CA ASN B 178 6.35 -27.48 7.19
C ASN B 178 7.79 -27.58 7.68
N GLU B 179 8.57 -28.47 7.09
CA GLU B 179 9.95 -28.60 7.50
C GLU B 179 10.74 -27.44 6.98
N ALA B 180 10.39 -26.77 5.87
CA ALA B 180 11.13 -25.61 5.41
C ALA B 180 11.21 -24.50 6.47
N PHE B 181 10.24 -24.41 7.38
CA PHE B 181 10.27 -23.43 8.47
C PHE B 181 11.26 -23.76 9.57
N TYR B 182 11.89 -24.93 9.56
CA TYR B 182 12.75 -25.31 10.64
C TYR B 182 14.14 -25.66 10.16
N LEU B 183 14.44 -25.44 8.88
CA LEU B 183 15.73 -25.80 8.33
C LEU B 183 16.83 -25.13 9.13
N PRO B 184 17.85 -25.87 9.57
CA PRO B 184 18.97 -25.35 10.34
C PRO B 184 19.86 -24.40 9.57
N GLU B 185 20.01 -24.58 8.25
CA GLU B 185 20.79 -23.66 7.45
C GLU B 185 20.29 -23.62 6.01
N PRO B 186 20.53 -22.56 5.21
CA PRO B 186 19.90 -22.37 3.92
C PRO B 186 20.52 -23.30 2.88
N PRO B 187 19.76 -24.02 2.04
CA PRO B 187 20.28 -24.93 1.02
C PRO B 187 21.13 -24.20 0.00
N ARG B 188 22.16 -24.85 -0.55
CA ARG B 188 22.93 -24.24 -1.61
C ARG B 188 22.16 -24.44 -2.92
N ARG B 189 21.64 -25.63 -3.23
CA ARG B 189 20.88 -25.83 -4.46
C ARG B 189 19.55 -26.32 -3.94
N VAL B 190 18.44 -25.64 -4.14
CA VAL B 190 17.15 -26.10 -3.68
C VAL B 190 16.21 -26.13 -4.87
N LEU B 191 15.40 -27.18 -4.94
CA LEU B 191 14.39 -27.35 -5.96
C LEU B 191 13.09 -27.24 -5.20
N THR B 192 12.23 -26.36 -5.68
CA THR B 192 10.93 -26.16 -5.08
C THR B 192 9.99 -26.64 -6.18
N VAL B 193 9.15 -27.62 -5.87
CA VAL B 193 8.31 -28.27 -6.86
C VAL B 193 6.90 -27.76 -6.71
N GLY B 194 6.34 -27.21 -7.76
CA GLY B 194 5.00 -26.69 -7.71
C GLY B 194 4.97 -25.30 -8.32
N GLY B 195 3.79 -24.85 -8.74
CA GLY B 195 3.69 -23.54 -9.34
C GLY B 195 2.77 -22.62 -8.54
N GLY B 196 2.27 -23.01 -7.37
CA GLY B 196 1.39 -22.18 -6.59
C GLY B 196 2.12 -21.21 -5.70
N PHE B 197 1.36 -20.44 -4.92
CA PHE B 197 1.91 -19.39 -4.08
C PHE B 197 2.96 -19.88 -3.10
N ILE B 198 2.80 -21.05 -2.44
CA ILE B 198 3.80 -21.51 -1.48
C ILE B 198 5.14 -21.78 -2.14
N SER B 199 5.13 -22.35 -3.34
CA SER B 199 6.35 -22.64 -4.09
C SER B 199 7.05 -21.34 -4.49
N VAL B 200 6.30 -20.42 -5.11
CA VAL B 200 6.78 -19.10 -5.54
C VAL B 200 7.35 -18.27 -4.37
N GLU B 201 6.66 -18.25 -3.23
CA GLU B 201 7.08 -17.52 -2.06
C GLU B 201 8.34 -18.10 -1.47
N PHE B 202 8.45 -19.42 -1.30
CA PHE B 202 9.67 -20.01 -0.77
C PHE B 202 10.79 -19.88 -1.75
N ALA B 203 10.57 -19.91 -3.06
CA ALA B 203 11.63 -19.67 -4.02
C ALA B 203 12.24 -18.29 -3.76
N GLY B 204 11.46 -17.23 -3.49
CA GLY B 204 11.96 -15.90 -3.17
C GLY B 204 12.75 -15.86 -1.86
N ILE B 205 12.26 -16.54 -0.83
CA ILE B 205 12.89 -16.65 0.48
C ILE B 205 14.25 -17.33 0.37
N PHE B 206 14.35 -18.46 -0.33
CA PHE B 206 15.60 -19.20 -0.46
C PHE B 206 16.56 -18.44 -1.35
N ASN B 207 16.05 -17.77 -2.39
CA ASN B 207 16.90 -16.98 -3.26
C ASN B 207 17.66 -15.89 -2.50
N ALA B 208 17.05 -15.30 -1.47
CA ALA B 208 17.70 -14.22 -0.76
C ALA B 208 18.71 -14.72 0.27
N TYR B 209 18.44 -15.84 0.93
CA TYR B 209 19.36 -16.33 1.93
C TYR B 209 20.28 -17.43 1.46
N LYS B 210 20.36 -17.67 0.15
CA LYS B 210 21.21 -18.73 -0.39
C LYS B 210 22.69 -18.39 -0.22
N PRO B 211 23.59 -19.37 -0.03
CA PRO B 211 25.03 -19.17 -0.02
C PRO B 211 25.58 -18.56 -1.31
N LYS B 212 26.88 -18.27 -1.30
CA LYS B 212 27.56 -17.66 -2.42
C LYS B 212 27.35 -18.33 -3.77
N ASP B 213 27.44 -19.65 -3.88
CA ASP B 213 27.23 -20.30 -5.17
C ASP B 213 25.92 -21.07 -5.20
N GLY B 214 24.89 -20.49 -4.58
CA GLY B 214 23.60 -21.14 -4.52
C GLY B 214 22.78 -20.94 -5.76
N GLN B 215 21.75 -21.74 -5.96
CA GLN B 215 20.84 -21.62 -7.08
C GLN B 215 19.52 -22.14 -6.58
N VAL B 216 18.43 -21.47 -6.94
CA VAL B 216 17.10 -21.90 -6.59
C VAL B 216 16.47 -22.24 -7.94
N THR B 217 15.86 -23.42 -8.02
CA THR B 217 15.12 -23.84 -9.20
C THR B 217 13.70 -24.11 -8.76
N LEU B 218 12.75 -23.64 -9.53
CA LEU B 218 11.35 -23.88 -9.27
C LEU B 218 10.90 -24.71 -10.45
N CYS B 219 10.17 -25.80 -10.28
CA CYS B 219 9.69 -26.48 -11.47
C CYS B 219 8.21 -26.70 -11.35
N TYR B 220 7.53 -26.64 -12.47
CA TYR B 220 6.10 -26.83 -12.48
C TYR B 220 5.81 -27.73 -13.68
N ARG B 221 4.83 -28.63 -13.57
CA ARG B 221 4.45 -29.52 -14.66
C ARG B 221 3.62 -28.84 -15.73
N GLY B 222 2.95 -27.73 -15.43
CA GLY B 222 2.18 -27.00 -16.44
C GLY B 222 3.08 -26.05 -17.20
N GLU B 223 2.53 -25.15 -18.01
CA GLU B 223 3.40 -24.30 -18.80
C GLU B 223 3.76 -22.93 -18.24
N MET B 224 3.13 -22.47 -17.15
CA MET B 224 3.46 -21.19 -16.55
C MET B 224 3.04 -21.26 -15.11
N ILE B 225 3.84 -20.72 -14.18
CA ILE B 225 3.51 -20.67 -12.76
C ILE B 225 2.19 -19.96 -12.53
N LEU B 226 1.67 -20.23 -11.35
CA LEU B 226 0.46 -19.64 -10.83
C LEU B 226 -0.80 -19.76 -11.68
N ARG B 227 -1.24 -21.00 -11.95
CA ARG B 227 -2.48 -21.21 -12.65
C ARG B 227 -3.59 -20.77 -11.69
N GLY B 228 -4.53 -20.06 -12.31
CA GLY B 228 -5.65 -19.44 -11.60
C GLY B 228 -5.45 -17.93 -11.50
N PHE B 229 -4.23 -17.46 -11.76
CA PHE B 229 -3.98 -16.04 -11.73
C PHE B 229 -4.03 -15.50 -13.15
N ASP B 230 -4.07 -14.17 -13.22
CA ASP B 230 -4.09 -13.44 -14.46
C ASP B 230 -2.85 -13.77 -15.27
N HIS B 231 -3.02 -14.10 -16.56
CA HIS B 231 -1.91 -14.49 -17.42
C HIS B 231 -0.89 -13.38 -17.59
N THR B 232 -1.23 -12.08 -17.61
CA THR B 232 -0.21 -11.01 -17.72
C THR B 232 0.65 -11.04 -16.47
N LEU B 233 0.02 -11.17 -15.30
CA LEU B 233 0.74 -11.25 -14.04
C LEU B 233 1.61 -12.49 -14.02
N ARG B 234 1.15 -13.63 -14.52
CA ARG B 234 1.95 -14.86 -14.56
C ARG B 234 3.17 -14.70 -15.42
N GLU B 235 2.97 -14.08 -16.58
CA GLU B 235 4.06 -13.85 -17.50
C GLU B 235 5.13 -12.90 -16.99
N GLU B 236 4.66 -11.78 -16.44
CA GLU B 236 5.52 -10.76 -15.89
C GLU B 236 6.22 -11.16 -14.63
N LEU B 237 5.58 -11.88 -13.72
CA LEU B 237 6.24 -12.36 -12.53
C LEU B 237 7.30 -13.36 -12.95
N THR B 238 7.08 -14.24 -13.94
CA THR B 238 8.10 -15.17 -14.38
C THR B 238 9.36 -14.42 -14.80
N LYS B 239 9.24 -13.36 -15.58
CA LYS B 239 10.39 -12.58 -16.02
C LYS B 239 11.12 -11.87 -14.90
N GLN B 240 10.41 -11.41 -13.87
CA GLN B 240 11.06 -10.73 -12.78
C GLN B 240 11.68 -11.75 -11.84
N LEU B 241 11.10 -12.94 -11.66
CA LEU B 241 11.75 -13.97 -10.85
C LEU B 241 13.00 -14.47 -11.55
N THR B 242 12.98 -14.70 -12.86
CA THR B 242 14.19 -15.15 -13.55
C THR B 242 15.19 -14.00 -13.57
N ALA B 243 14.76 -12.73 -13.65
CA ALA B 243 15.68 -11.60 -13.56
C ALA B 243 16.36 -11.53 -12.21
N ASN B 244 15.77 -12.07 -11.15
CA ASN B 244 16.43 -12.03 -9.87
C ASN B 244 17.18 -13.32 -9.58
N GLY B 245 17.52 -14.10 -10.61
CA GLY B 245 18.36 -15.29 -10.47
C GLY B 245 17.66 -16.60 -10.13
N ILE B 246 16.33 -16.72 -10.11
CA ILE B 246 15.67 -18.01 -9.87
C ILE B 246 15.51 -18.76 -11.19
N GLN B 247 15.83 -20.06 -11.28
CA GLN B 247 15.60 -20.78 -12.54
C GLN B 247 14.22 -21.36 -12.49
N ILE B 248 13.42 -21.18 -13.54
CA ILE B 248 12.07 -21.74 -13.57
C ILE B 248 12.08 -22.76 -14.71
N LEU B 249 11.73 -24.00 -14.36
CA LEU B 249 11.63 -25.11 -15.31
C LEU B 249 10.16 -25.47 -15.41
N THR B 250 9.50 -25.08 -16.47
CA THR B 250 8.12 -25.45 -16.66
C THR B 250 8.04 -26.71 -17.51
N LYS B 251 6.86 -27.34 -17.49
CA LYS B 251 6.63 -28.62 -18.14
C LYS B 251 7.64 -29.66 -17.66
N GLU B 252 8.08 -29.59 -16.39
CA GLU B 252 9.02 -30.54 -15.81
C GLU B 252 8.42 -31.01 -14.50
N ASN B 253 8.53 -32.30 -14.21
CA ASN B 253 7.93 -32.87 -13.02
C ASN B 253 8.83 -34.00 -12.57
N PRO B 254 9.29 -34.06 -11.32
CA PRO B 254 10.13 -35.12 -10.78
C PRO B 254 9.52 -36.51 -10.83
N ALA B 255 10.34 -37.42 -11.33
CA ALA B 255 9.98 -38.83 -11.47
C ALA B 255 10.53 -39.56 -10.28
N LYS B 256 11.80 -39.35 -9.93
CA LYS B 256 12.35 -39.99 -8.75
C LYS B 256 13.44 -39.13 -8.15
N VAL B 257 13.68 -39.36 -6.86
CA VAL B 257 14.66 -38.66 -6.07
C VAL B 257 15.46 -39.74 -5.38
N GLU B 258 16.77 -39.79 -5.55
CA GLU B 258 17.55 -40.77 -4.83
C GLU B 258 18.71 -40.04 -4.22
N LEU B 259 19.12 -40.33 -2.98
CA LEU B 259 20.21 -39.54 -2.48
C LEU B 259 21.55 -40.08 -2.85
N ASN B 260 22.37 -39.14 -3.26
CA ASN B 260 23.74 -39.39 -3.64
C ASN B 260 24.54 -39.59 -2.38
N ALA B 261 25.80 -39.97 -2.64
CA ALA B 261 26.81 -40.20 -1.62
C ALA B 261 26.99 -39.00 -0.68
N ASP B 262 27.03 -37.79 -1.24
CA ASP B 262 27.21 -36.56 -0.46
C ASP B 262 26.13 -36.31 0.57
N GLY B 263 24.95 -36.85 0.30
CA GLY B 263 23.76 -36.53 1.07
C GLY B 263 22.89 -35.64 0.19
N SER B 264 23.43 -35.20 -0.95
CA SER B 264 22.69 -34.46 -1.95
C SER B 264 21.69 -35.43 -2.58
N LYS B 265 20.79 -34.91 -3.40
CA LYS B 265 19.73 -35.67 -4.02
C LYS B 265 19.85 -35.56 -5.52
N SER B 266 19.76 -36.68 -6.23
CA SER B 266 19.74 -36.63 -7.67
C SER B 266 18.27 -36.73 -7.96
N VAL B 267 17.80 -35.85 -8.83
CA VAL B 267 16.40 -35.83 -9.20
C VAL B 267 16.36 -36.13 -10.66
N THR B 268 15.57 -37.14 -10.99
CA THR B 268 15.40 -37.47 -12.38
C THR B 268 13.96 -37.04 -12.65
N PHE B 269 13.84 -36.22 -13.69
CA PHE B 269 12.59 -35.67 -14.15
C PHE B 269 11.95 -36.65 -15.13
N GLU B 270 10.63 -36.57 -15.30
CA GLU B 270 9.92 -37.43 -16.23
C GLU B 270 10.48 -37.34 -17.64
N SER B 271 11.04 -36.19 -18.00
CA SER B 271 11.61 -35.97 -19.31
C SER B 271 12.92 -36.71 -19.53
N GLY B 272 13.51 -37.25 -18.48
CA GLY B 272 14.83 -37.85 -18.62
C GLY B 272 15.88 -36.89 -18.07
N LYS B 273 15.57 -35.59 -17.90
CA LYS B 273 16.51 -34.63 -17.32
C LYS B 273 16.94 -35.08 -15.95
N LYS B 274 18.19 -34.85 -15.59
CA LYS B 274 18.67 -35.25 -14.29
C LYS B 274 19.44 -34.06 -13.73
N MET B 275 19.28 -33.73 -12.44
CA MET B 275 19.92 -32.58 -11.82
C MET B 275 20.06 -32.88 -10.35
N ASP B 276 21.08 -32.32 -9.71
CA ASP B 276 21.30 -32.55 -8.28
C ASP B 276 20.95 -31.32 -7.46
N PHE B 277 20.40 -31.54 -6.28
CA PHE B 277 20.01 -30.47 -5.38
C PHE B 277 20.40 -30.88 -4.00
N ASP B 278 20.53 -29.93 -3.07
CA ASP B 278 20.77 -30.25 -1.68
C ASP B 278 19.47 -30.36 -0.94
N LEU B 279 18.35 -29.85 -1.48
CA LEU B 279 17.08 -29.88 -0.76
C LEU B 279 15.99 -29.93 -1.83
N VAL B 280 14.93 -30.69 -1.61
CA VAL B 280 13.85 -30.76 -2.57
C VAL B 280 12.58 -30.56 -1.77
N MET B 281 11.85 -29.49 -2.05
CA MET B 281 10.63 -29.18 -1.32
C MET B 281 9.45 -29.43 -2.23
N MET B 282 8.49 -30.23 -1.82
CA MET B 282 7.31 -30.48 -2.61
C MET B 282 6.24 -29.48 -2.17
N ALA B 283 5.78 -28.60 -3.05
CA ALA B 283 4.73 -27.66 -2.70
C ALA B 283 3.69 -27.80 -3.78
N ILE B 284 3.28 -29.04 -3.91
CA ILE B 284 2.38 -29.44 -4.96
C ILE B 284 0.94 -29.19 -4.58
N GLY B 285 0.52 -29.28 -3.32
CA GLY B 285 -0.87 -29.04 -3.02
C GLY B 285 -1.11 -29.34 -1.57
N ARG B 286 -2.29 -29.01 -1.09
CA ARG B 286 -2.72 -29.25 0.28
C ARG B 286 -4.06 -29.97 0.25
N SER B 287 -4.26 -30.99 1.07
CA SER B 287 -5.49 -31.76 1.06
C SER B 287 -6.21 -31.58 2.39
N PRO B 288 -7.54 -31.50 2.48
CA PRO B 288 -8.29 -31.49 3.74
C PRO B 288 -7.92 -32.65 4.64
N ARG B 289 -7.60 -32.46 5.92
CA ARG B 289 -7.32 -33.63 6.72
C ARG B 289 -8.50 -34.11 7.53
N THR B 290 -9.11 -35.05 6.83
CA THR B 290 -10.30 -35.76 7.25
C THR B 290 -10.10 -37.14 7.88
N LYS B 291 -9.04 -37.88 7.50
CA LYS B 291 -8.87 -39.28 7.90
C LYS B 291 -8.92 -39.59 9.38
N ASP B 292 -8.22 -38.84 10.24
CA ASP B 292 -8.21 -39.14 11.66
C ASP B 292 -9.49 -38.74 12.37
N LEU B 293 -10.37 -37.95 11.73
CA LEU B 293 -11.61 -37.52 12.36
C LEU B 293 -12.60 -38.66 12.58
N GLN B 294 -12.41 -39.78 11.86
CA GLN B 294 -13.26 -40.95 11.90
C GLN B 294 -14.69 -40.56 11.57
N LEU B 295 -14.81 -39.81 10.48
CA LEU B 295 -16.09 -39.27 10.04
C LEU B 295 -17.19 -40.30 9.78
N GLN B 296 -16.77 -41.55 9.47
CA GLN B 296 -17.71 -42.63 9.24
C GLN B 296 -18.46 -42.96 10.54
N ASN B 297 -17.87 -42.85 11.73
CA ASN B 297 -18.55 -43.09 13.02
C ASN B 297 -19.74 -42.19 13.29
N ALA B 298 -20.01 -41.17 12.47
CA ALA B 298 -21.19 -40.35 12.65
C ALA B 298 -21.86 -40.12 11.32
N GLY B 299 -21.31 -40.66 10.25
CA GLY B 299 -21.93 -40.54 8.94
C GLY B 299 -21.75 -39.16 8.31
N VAL B 300 -20.64 -38.48 8.59
CA VAL B 300 -20.42 -37.21 7.96
C VAL B 300 -19.91 -37.52 6.56
N MET B 301 -20.53 -36.90 5.57
CA MET B 301 -20.23 -37.13 4.17
C MET B 301 -19.12 -36.25 3.64
N ILE B 302 -18.09 -36.81 2.99
CA ILE B 302 -17.06 -36.01 2.35
C ILE B 302 -17.35 -36.07 0.87
N LYS B 303 -16.92 -35.10 0.07
CA LYS B 303 -17.13 -35.20 -1.36
C LYS B 303 -15.72 -35.16 -1.94
N ASN B 304 -15.19 -34.09 -2.53
CA ASN B 304 -13.89 -34.18 -3.17
C ASN B 304 -12.79 -33.92 -2.17
N GLY B 305 -12.53 -34.97 -1.40
CA GLY B 305 -11.49 -34.97 -0.39
C GLY B 305 -11.85 -34.23 0.90
N GLY B 306 -12.65 -33.17 0.81
CA GLY B 306 -13.05 -32.42 1.98
C GLY B 306 -14.48 -32.72 2.32
N VAL B 307 -14.82 -32.32 3.54
CA VAL B 307 -16.14 -32.48 4.11
C VAL B 307 -17.18 -31.72 3.32
N GLN B 308 -18.28 -32.36 2.94
CA GLN B 308 -19.34 -31.71 2.21
C GLN B 308 -20.14 -30.90 3.21
N VAL B 309 -20.31 -29.60 2.94
CA VAL B 309 -21.08 -28.66 3.76
C VAL B 309 -22.01 -27.90 2.82
N ASP B 310 -23.13 -27.40 3.31
CA ASP B 310 -24.00 -26.57 2.49
C ASP B 310 -23.50 -25.14 2.66
N GLU B 311 -24.07 -24.15 1.99
CA GLU B 311 -23.58 -22.78 2.09
C GLU B 311 -23.60 -22.16 3.49
N TYR B 312 -24.23 -22.80 4.49
CA TYR B 312 -24.16 -22.35 5.86
C TYR B 312 -23.22 -23.20 6.70
N SER B 313 -22.28 -23.93 6.08
CA SER B 313 -21.30 -24.79 6.74
C SER B 313 -21.80 -25.98 7.56
N ARG B 314 -23.08 -26.33 7.42
CA ARG B 314 -23.63 -27.52 8.08
C ARG B 314 -23.32 -28.68 7.16
N THR B 315 -23.01 -29.86 7.71
CA THR B 315 -22.73 -31.01 6.88
C THR B 315 -24.07 -31.72 6.65
N ASN B 316 -24.10 -33.05 6.62
CA ASN B 316 -25.36 -33.77 6.45
C ASN B 316 -25.89 -34.39 7.75
N VAL B 317 -25.14 -34.25 8.85
CA VAL B 317 -25.55 -34.73 10.16
C VAL B 317 -25.81 -33.41 10.89
N SER B 318 -27.03 -33.13 11.34
CA SER B 318 -27.41 -31.82 11.85
C SER B 318 -26.70 -31.32 13.10
N ASN B 319 -25.99 -32.23 13.75
CA ASN B 319 -25.26 -31.88 14.95
C ASN B 319 -23.88 -31.30 14.65
N ILE B 320 -23.35 -31.66 13.47
CA ILE B 320 -21.98 -31.38 13.06
C ILE B 320 -21.90 -30.43 11.88
N TYR B 321 -20.95 -29.52 12.03
CA TYR B 321 -20.69 -28.48 11.04
C TYR B 321 -19.20 -28.50 10.74
N ALA B 322 -18.77 -27.96 9.60
CA ALA B 322 -17.36 -27.90 9.28
C ALA B 322 -17.05 -26.58 8.57
N ILE B 323 -15.92 -25.96 8.94
CA ILE B 323 -15.47 -24.73 8.30
C ILE B 323 -13.96 -24.81 8.04
N GLY B 324 -13.46 -23.85 7.24
CA GLY B 324 -12.04 -23.72 6.98
C GLY B 324 -11.54 -24.57 5.82
N ASP B 325 -10.27 -24.93 5.84
CA ASP B 325 -9.66 -25.70 4.79
C ASP B 325 -10.22 -27.08 4.58
N VAL B 326 -10.71 -27.72 5.64
CA VAL B 326 -11.31 -29.04 5.55
C VAL B 326 -12.54 -29.04 4.64
N THR B 327 -13.19 -27.90 4.37
CA THR B 327 -14.33 -27.85 3.45
C THR B 327 -13.89 -27.65 2.02
N ASN B 328 -12.61 -27.29 1.84
CA ASN B 328 -12.01 -27.10 0.53
C ASN B 328 -12.74 -26.11 -0.37
N ARG B 329 -13.10 -24.93 0.17
CA ARG B 329 -13.75 -23.91 -0.63
C ARG B 329 -12.65 -22.89 -0.96
N VAL B 330 -12.36 -21.88 -0.14
CA VAL B 330 -11.26 -20.94 -0.38
C VAL B 330 -10.36 -21.14 0.83
N MET B 331 -9.13 -21.57 0.56
CA MET B 331 -8.22 -21.87 1.65
C MET B 331 -7.40 -20.67 2.05
N LEU B 332 -8.03 -19.75 2.78
CA LEU B 332 -7.38 -18.54 3.26
C LEU B 332 -7.79 -18.28 4.72
N THR B 333 -6.91 -17.88 5.65
CA THR B 333 -7.28 -17.54 7.03
C THR B 333 -8.50 -16.61 7.15
N PRO B 334 -8.64 -15.46 6.47
CA PRO B 334 -9.78 -14.56 6.64
C PRO B 334 -11.08 -15.24 6.26
N VAL B 335 -11.07 -16.13 5.26
CA VAL B 335 -12.28 -16.86 4.87
C VAL B 335 -12.63 -17.84 6.01
N ALA B 336 -11.66 -18.55 6.62
CA ALA B 336 -11.95 -19.46 7.72
C ALA B 336 -12.54 -18.74 8.93
N ILE B 337 -11.99 -17.58 9.27
CA ILE B 337 -12.47 -16.73 10.35
C ILE B 337 -13.88 -16.25 10.02
N ASN B 338 -14.14 -15.85 8.77
CA ASN B 338 -15.46 -15.35 8.39
C ASN B 338 -16.52 -16.42 8.53
N GLU B 339 -16.23 -17.62 8.02
CA GLU B 339 -17.12 -18.76 8.08
C GLU B 339 -17.41 -19.17 9.51
N ALA B 340 -16.37 -19.13 10.37
CA ALA B 340 -16.51 -19.44 11.78
C ALA B 340 -17.49 -18.49 12.45
N ALA B 341 -17.38 -17.17 12.24
CA ALA B 341 -18.33 -16.23 12.83
C ALA B 341 -19.73 -16.46 12.25
N ALA B 342 -19.86 -16.68 10.94
CA ALA B 342 -21.13 -16.95 10.30
C ALA B 342 -21.78 -18.24 10.79
N LEU B 343 -20.99 -19.29 11.13
CA LEU B 343 -21.55 -20.53 11.66
C LEU B 343 -22.04 -20.30 13.10
N VAL B 344 -21.25 -19.70 14.01
CA VAL B 344 -21.70 -19.48 15.37
C VAL B 344 -22.92 -18.57 15.40
N ASP B 345 -23.09 -17.65 14.46
CA ASP B 345 -24.29 -16.84 14.38
C ASP B 345 -25.49 -17.67 13.93
N THR B 346 -25.44 -18.39 12.81
CA THR B 346 -26.52 -19.28 12.36
C THR B 346 -26.92 -20.36 13.39
N VAL B 347 -26.02 -20.75 14.32
CA VAL B 347 -26.32 -21.81 15.25
C VAL B 347 -26.79 -21.30 16.61
N PHE B 348 -25.99 -20.45 17.23
CA PHE B 348 -26.31 -19.97 18.55
C PHE B 348 -26.90 -18.58 18.53
N GLY B 349 -27.07 -17.98 17.36
CA GLY B 349 -27.62 -16.65 17.26
C GLY B 349 -28.99 -16.76 16.63
N THR B 350 -29.48 -15.57 16.31
CA THR B 350 -30.84 -15.52 15.81
C THR B 350 -30.88 -15.54 14.30
N THR B 351 -30.02 -14.76 13.69
CA THR B 351 -30.09 -14.70 12.26
C THR B 351 -28.92 -15.48 11.64
N PRO B 352 -29.22 -16.35 10.67
CA PRO B 352 -28.27 -17.14 9.89
C PRO B 352 -27.49 -16.21 8.99
N ARG B 353 -26.18 -16.36 9.08
CA ARG B 353 -25.27 -15.60 8.27
C ARG B 353 -24.50 -16.68 7.50
N LYS B 354 -24.12 -16.39 6.26
CA LYS B 354 -23.28 -17.27 5.47
C LYS B 354 -22.20 -16.41 4.83
N THR B 355 -21.00 -16.95 4.64
CA THR B 355 -19.91 -16.24 4.00
C THR B 355 -20.08 -16.11 2.50
N ASP B 356 -19.78 -14.91 2.02
CA ASP B 356 -19.69 -14.70 0.58
C ASP B 356 -18.26 -15.06 0.22
N HIS B 357 -18.16 -16.03 -0.69
CA HIS B 357 -16.88 -16.51 -1.13
C HIS B 357 -16.44 -15.83 -2.40
N THR B 358 -17.25 -14.99 -3.02
CA THR B 358 -16.80 -14.34 -4.24
C THR B 358 -16.12 -13.02 -3.91
N ARG B 359 -15.34 -12.47 -4.84
CA ARG B 359 -14.68 -11.19 -4.69
C ARG B 359 -13.81 -11.07 -3.45
N VAL B 360 -13.16 -12.17 -3.04
CA VAL B 360 -12.27 -12.15 -1.88
C VAL B 360 -10.93 -11.68 -2.44
N ALA B 361 -10.34 -10.67 -1.83
CA ALA B 361 -9.04 -10.19 -2.27
C ALA B 361 -7.99 -11.08 -1.64
N SER B 362 -6.87 -11.24 -2.33
CA SER B 362 -5.81 -12.03 -1.77
C SER B 362 -4.50 -11.55 -2.37
N ALA B 363 -3.40 -12.10 -1.89
CA ALA B 363 -2.07 -11.69 -2.30
C ALA B 363 -1.19 -12.91 -2.43
N VAL B 364 -0.13 -12.75 -3.20
CA VAL B 364 0.94 -13.73 -3.29
C VAL B 364 2.12 -12.87 -2.82
N PHE B 365 2.82 -13.29 -1.77
CA PHE B 365 4.00 -12.57 -1.32
C PHE B 365 5.31 -13.00 -1.98
N SER B 366 5.30 -12.96 -3.30
CA SER B 366 6.51 -13.12 -4.07
C SER B 366 7.28 -11.83 -4.02
N ILE B 367 8.51 -11.77 -4.54
CA ILE B 367 9.23 -10.52 -4.67
C ILE B 367 9.36 -10.28 -6.18
N PRO B 368 8.65 -9.37 -6.88
CA PRO B 368 7.61 -8.46 -6.37
C PRO B 368 6.27 -9.14 -6.06
N PRO B 369 5.40 -8.64 -5.18
CA PRO B 369 4.17 -9.32 -4.79
C PRO B 369 3.03 -9.12 -5.76
N ILE B 370 1.96 -9.90 -5.57
CA ILE B 370 0.73 -9.80 -6.36
C ILE B 370 -0.43 -9.49 -5.42
N GLY B 371 -1.38 -8.67 -5.85
CA GLY B 371 -2.61 -8.44 -5.11
C GLY B 371 -3.73 -8.68 -6.10
N THR B 372 -4.83 -9.34 -5.78
CA THR B 372 -5.82 -9.66 -6.79
C THR B 372 -7.17 -9.74 -6.12
N CYS B 373 -8.22 -9.32 -6.83
CA CYS B 373 -9.58 -9.44 -6.34
C CYS B 373 -10.46 -9.64 -7.57
N GLY B 374 -11.37 -10.60 -7.54
CA GLY B 374 -12.31 -10.68 -8.64
C GLY B 374 -11.88 -11.70 -9.68
N LEU B 375 -12.54 -11.65 -10.83
CA LEU B 375 -12.33 -12.58 -11.92
C LEU B 375 -11.16 -12.24 -12.80
N ILE B 376 -10.61 -13.29 -13.41
CA ILE B 376 -9.61 -13.13 -14.46
C ILE B 376 -10.42 -13.22 -15.75
N GLU B 377 -9.92 -12.56 -16.79
CA GLU B 377 -10.65 -12.41 -18.01
C GLU B 377 -11.07 -13.71 -18.65
N GLU B 378 -10.32 -14.79 -18.42
CA GLU B 378 -10.68 -16.09 -19.00
C GLU B 378 -12.01 -16.59 -18.47
N VAL B 379 -12.32 -16.41 -17.18
CA VAL B 379 -13.63 -16.84 -16.69
C VAL B 379 -14.60 -15.68 -16.92
N ALA B 380 -14.15 -14.42 -16.97
CA ALA B 380 -15.09 -13.33 -17.18
C ALA B 380 -15.69 -13.43 -18.58
N SER B 381 -14.90 -13.72 -19.61
CA SER B 381 -15.43 -13.82 -20.95
C SER B 381 -16.30 -15.05 -21.12
N LYS B 382 -16.19 -16.04 -20.24
CA LYS B 382 -17.05 -17.18 -20.34
C LYS B 382 -18.38 -16.81 -19.71
N ARG B 383 -18.41 -15.98 -18.66
CA ARG B 383 -19.67 -15.64 -18.01
C ARG B 383 -20.35 -14.38 -18.51
N TYR B 384 -19.71 -13.53 -19.31
CA TYR B 384 -20.32 -12.28 -19.74
C TYR B 384 -20.18 -12.11 -21.23
N GLU B 385 -21.15 -11.49 -21.90
CA GLU B 385 -21.09 -11.33 -23.34
C GLU B 385 -20.01 -10.36 -23.82
N VAL B 386 -19.89 -9.16 -23.25
CA VAL B 386 -18.81 -8.26 -23.65
C VAL B 386 -18.08 -7.80 -22.39
N VAL B 387 -16.77 -7.99 -22.42
CA VAL B 387 -15.85 -7.73 -21.32
C VAL B 387 -14.81 -6.71 -21.78
N ALA B 388 -14.52 -5.68 -20.99
CA ALA B 388 -13.48 -4.69 -21.31
C ALA B 388 -12.24 -4.99 -20.43
N VAL B 389 -11.04 -4.93 -20.99
CA VAL B 389 -9.82 -5.15 -20.25
C VAL B 389 -9.06 -3.84 -20.30
N TYR B 390 -8.66 -3.29 -19.15
CA TYR B 390 -7.90 -2.06 -19.00
C TYR B 390 -6.58 -2.53 -18.44
N LEU B 391 -5.50 -2.31 -19.16
CA LEU B 391 -4.21 -2.78 -18.73
C LEU B 391 -3.26 -1.60 -18.70
N SER B 392 -2.47 -1.50 -17.65
CA SER B 392 -1.46 -0.47 -17.54
C SER B 392 -0.20 -1.14 -17.02
N SER B 393 0.95 -0.92 -17.64
CA SER B 393 2.18 -1.45 -17.11
C SER B 393 3.24 -0.40 -17.32
N PHE B 394 4.05 -0.11 -16.30
CA PHE B 394 5.01 0.96 -16.33
C PHE B 394 6.12 0.62 -15.34
N THR B 395 7.35 1.09 -15.52
CA THR B 395 8.42 0.91 -14.53
C THR B 395 8.16 2.09 -13.58
N PRO B 396 7.90 1.92 -12.28
CA PRO B 396 7.84 3.03 -11.35
C PRO B 396 9.15 3.80 -11.37
N LEU B 397 9.09 5.14 -11.23
CA LEU B 397 10.25 6.02 -11.29
C LEU B 397 11.27 5.66 -10.23
N MET B 398 10.87 5.18 -9.05
CA MET B 398 11.86 4.82 -8.07
C MET B 398 12.70 3.67 -8.60
N HIS B 399 12.14 2.81 -9.45
CA HIS B 399 12.91 1.70 -9.97
C HIS B 399 13.70 2.04 -11.19
N LYS B 400 13.46 3.19 -11.80
CA LYS B 400 14.33 3.68 -12.84
C LYS B 400 15.61 4.17 -12.16
N VAL B 401 15.45 4.85 -11.02
CA VAL B 401 16.55 5.32 -10.20
C VAL B 401 17.21 4.21 -9.35
N SER B 402 16.50 3.22 -8.82
CA SER B 402 17.15 2.23 -7.99
C SER B 402 18.06 1.24 -8.71
N GLY B 403 17.97 1.15 -10.04
CA GLY B 403 18.74 0.18 -10.81
C GLY B 403 17.85 -0.97 -11.26
N SER B 404 16.81 -1.32 -10.53
CA SER B 404 15.93 -2.43 -10.89
C SER B 404 14.94 -2.08 -11.97
N LYS B 405 15.47 -1.82 -13.16
CA LYS B 405 14.66 -1.36 -14.29
C LYS B 405 13.72 -2.40 -14.88
N TYR B 406 13.92 -3.66 -14.46
CA TYR B 406 13.07 -4.76 -14.89
C TYR B 406 11.80 -4.87 -14.04
N LYS B 407 11.70 -4.12 -12.94
CA LYS B 407 10.52 -4.21 -12.10
C LYS B 407 9.34 -3.42 -12.66
N THR B 408 8.64 -4.02 -13.61
CA THR B 408 7.42 -3.46 -14.17
C THR B 408 6.26 -3.63 -13.22
N PHE B 409 5.53 -2.55 -13.00
CA PHE B 409 4.32 -2.56 -12.19
C PHE B 409 3.23 -2.85 -13.19
N VAL B 410 2.31 -3.77 -12.92
CA VAL B 410 1.22 -4.06 -13.84
C VAL B 410 -0.09 -3.84 -13.07
N ALA B 411 -1.04 -3.14 -13.65
CA ALA B 411 -2.33 -2.92 -13.05
C ALA B 411 -3.31 -3.30 -14.15
N LYS B 412 -4.32 -4.09 -13.79
CA LYS B 412 -5.26 -4.56 -14.79
C LYS B 412 -6.65 -4.65 -14.21
N ILE B 413 -7.60 -4.00 -14.85
CA ILE B 413 -8.96 -3.98 -14.39
C ILE B 413 -9.82 -4.62 -15.48
N ILE B 414 -10.80 -5.42 -15.12
CA ILE B 414 -11.64 -6.14 -16.06
C ILE B 414 -13.05 -5.75 -15.75
N THR B 415 -13.83 -5.35 -16.73
CA THR B 415 -15.22 -5.02 -16.45
C THR B 415 -16.22 -5.75 -17.32
N ASN B 416 -17.47 -5.72 -16.89
CA ASN B 416 -18.60 -6.12 -17.70
C ASN B 416 -18.86 -4.83 -18.45
N HIS B 417 -18.49 -4.80 -19.71
CA HIS B 417 -18.58 -3.59 -20.49
C HIS B 417 -20.01 -3.14 -20.75
N SER B 418 -21.04 -3.96 -20.56
CA SER B 418 -22.40 -3.51 -20.79
C SER B 418 -22.81 -2.47 -19.76
N ASP B 419 -22.33 -2.55 -18.51
CA ASP B 419 -22.72 -1.58 -17.50
C ASP B 419 -21.58 -0.92 -16.75
N GLY B 420 -20.34 -1.34 -17.03
CA GLY B 420 -19.19 -0.76 -16.39
C GLY B 420 -18.77 -1.44 -15.11
N THR B 421 -19.46 -2.46 -14.54
CA THR B 421 -19.07 -3.10 -13.28
C THR B 421 -17.70 -3.75 -13.34
N VAL B 422 -16.89 -3.48 -12.33
CA VAL B 422 -15.55 -4.00 -12.27
C VAL B 422 -15.70 -5.45 -11.79
N LEU B 423 -15.25 -6.36 -12.63
CA LEU B 423 -15.33 -7.78 -12.30
C LEU B 423 -14.04 -8.23 -11.63
N GLY B 424 -12.91 -7.55 -11.85
CA GLY B 424 -11.67 -7.95 -11.20
C GLY B 424 -10.61 -6.91 -11.42
N VAL B 425 -9.67 -6.85 -10.50
CA VAL B 425 -8.53 -5.94 -10.49
C VAL B 425 -7.34 -6.83 -10.08
N HIS B 426 -6.24 -6.80 -10.81
CA HIS B 426 -5.09 -7.67 -10.58
C HIS B 426 -3.84 -6.81 -10.61
N LEU B 427 -2.96 -6.91 -9.63
CA LEU B 427 -1.80 -6.03 -9.55
C LEU B 427 -0.53 -6.82 -9.33
N LEU B 428 0.59 -6.41 -9.93
CA LEU B 428 1.89 -6.97 -9.68
C LEU B 428 2.79 -5.78 -9.40
N GLY B 429 3.53 -5.79 -8.32
CA GLY B 429 4.42 -4.70 -8.00
C GLY B 429 4.46 -4.48 -6.51
N ASP B 430 5.38 -3.64 -6.06
CA ASP B 430 5.54 -3.41 -4.64
C ASP B 430 4.31 -2.81 -4.04
N ASN B 431 3.99 -3.37 -2.89
CA ASN B 431 2.87 -3.01 -2.04
C ASN B 431 1.54 -3.41 -2.59
N ALA B 432 1.50 -4.20 -3.66
CA ALA B 432 0.23 -4.63 -4.22
C ALA B 432 -0.66 -5.31 -3.19
N PRO B 433 -0.24 -6.10 -2.19
CA PRO B 433 -1.12 -6.62 -1.14
C PRO B 433 -1.82 -5.53 -0.33
N GLU B 434 -1.14 -4.41 -0.08
CA GLU B 434 -1.71 -3.29 0.67
C GLU B 434 -2.72 -2.50 -0.16
N ILE B 435 -2.42 -2.31 -1.45
CA ILE B 435 -3.32 -1.60 -2.36
C ILE B 435 -4.61 -2.36 -2.63
N ILE B 436 -4.59 -3.70 -2.65
CA ILE B 436 -5.78 -4.42 -3.06
C ILE B 436 -6.85 -4.46 -1.97
N GLN B 437 -6.55 -4.23 -0.69
CA GLN B 437 -7.60 -4.28 0.33
C GLN B 437 -8.73 -3.27 0.12
N GLY B 438 -8.42 -2.03 -0.26
CA GLY B 438 -9.43 -1.01 -0.48
C GLY B 438 -10.25 -1.38 -1.70
N ILE B 439 -9.58 -1.94 -2.69
CA ILE B 439 -10.23 -2.37 -3.93
C ILE B 439 -11.20 -3.52 -3.64
N GLY B 440 -10.90 -4.43 -2.72
CA GLY B 440 -11.84 -5.48 -2.32
C GLY B 440 -13.13 -4.87 -1.78
N ILE B 441 -13.06 -3.78 -1.01
CA ILE B 441 -14.25 -3.09 -0.51
C ILE B 441 -15.03 -2.51 -1.69
N CYS B 442 -14.35 -1.92 -2.67
CA CYS B 442 -14.99 -1.37 -3.85
C CYS B 442 -15.80 -2.41 -4.62
N LEU B 443 -15.29 -3.61 -4.84
CA LEU B 443 -16.02 -4.62 -5.58
C LEU B 443 -17.20 -5.11 -4.76
N LYS B 444 -17.07 -5.17 -3.44
CA LYS B 444 -18.17 -5.55 -2.58
C LYS B 444 -19.29 -4.49 -2.64
N LEU B 445 -18.96 -3.25 -3.04
CA LEU B 445 -19.91 -2.15 -3.23
C LEU B 445 -20.32 -2.01 -4.69
N ASN B 446 -19.96 -2.99 -5.51
CA ASN B 446 -20.30 -3.04 -6.91
C ASN B 446 -19.86 -1.84 -7.71
N ALA B 447 -18.64 -1.38 -7.46
CA ALA B 447 -18.13 -0.24 -8.20
C ALA B 447 -18.00 -0.47 -9.71
N LYS B 448 -18.12 0.61 -10.44
CA LYS B 448 -18.01 0.67 -11.88
C LYS B 448 -16.72 1.34 -12.20
N ILE B 449 -16.21 1.20 -13.43
CA ILE B 449 -14.95 1.80 -13.80
C ILE B 449 -15.01 3.32 -13.74
N SER B 450 -16.17 3.95 -13.92
CA SER B 450 -16.29 5.39 -13.81
C SER B 450 -16.06 5.82 -12.38
N ASP B 451 -16.42 4.98 -11.41
CA ASP B 451 -16.17 5.27 -10.01
C ASP B 451 -14.68 5.30 -9.74
N PHE B 452 -13.91 4.44 -10.41
CA PHE B 452 -12.46 4.45 -10.26
C PHE B 452 -11.91 5.71 -10.91
N TYR B 453 -12.22 6.04 -12.17
CA TYR B 453 -11.53 7.18 -12.74
C TYR B 453 -12.11 8.52 -12.38
N ASN B 454 -13.19 8.57 -11.59
CA ASN B 454 -13.69 9.86 -11.13
C ASN B 454 -13.19 10.16 -9.75
N THR B 455 -12.46 9.23 -9.15
CA THR B 455 -11.83 9.46 -7.87
C THR B 455 -10.51 10.17 -8.14
N ILE B 456 -10.16 11.17 -7.34
CA ILE B 456 -8.88 11.84 -7.50
C ILE B 456 -7.76 10.99 -6.89
N GLY B 457 -6.64 10.95 -7.59
CA GLY B 457 -5.50 10.15 -7.21
C GLY B 457 -4.64 10.81 -6.16
N VAL B 458 -3.98 9.97 -5.36
CA VAL B 458 -3.02 10.34 -4.35
C VAL B 458 -1.73 10.32 -5.15
N HIS B 459 -1.01 11.43 -5.28
CA HIS B 459 0.18 11.54 -6.09
C HIS B 459 1.39 11.89 -5.26
N PRO B 460 2.58 11.28 -5.38
CA PRO B 460 2.88 10.14 -6.24
C PRO B 460 2.75 8.80 -5.55
N THR B 461 1.91 7.91 -6.10
CA THR B 461 1.80 6.55 -5.60
C THR B 461 1.65 5.64 -6.82
N SER B 462 1.74 4.32 -6.64
CA SER B 462 1.47 3.36 -7.71
C SER B 462 -0.03 3.20 -7.81
N ALA B 463 -0.69 3.22 -6.65
CA ALA B 463 -2.12 2.99 -6.61
C ALA B 463 -2.97 3.98 -7.41
N GLU B 464 -2.50 5.20 -7.61
CA GLU B 464 -3.26 6.19 -8.35
C GLU B 464 -3.43 5.77 -9.81
N GLU B 465 -2.62 4.82 -10.32
CA GLU B 465 -2.79 4.32 -11.67
C GLU B 465 -4.16 3.74 -11.88
N LEU B 466 -4.73 3.16 -10.85
CA LEU B 466 -6.05 2.59 -10.92
C LEU B 466 -7.13 3.63 -11.14
N CYS B 467 -6.87 4.89 -10.82
CA CYS B 467 -7.80 5.98 -11.04
C CYS B 467 -7.47 6.66 -12.35
N SER B 468 -6.54 6.13 -13.13
CA SER B 468 -6.16 6.81 -14.34
C SER B 468 -6.39 5.94 -15.57
N MET B 469 -7.14 4.84 -15.45
CA MET B 469 -7.40 3.91 -16.54
C MET B 469 -8.81 4.17 -17.05
N ARG B 470 -8.89 4.80 -18.20
CA ARG B 470 -10.16 5.29 -18.67
C ARG B 470 -10.64 4.63 -19.95
N THR B 471 -9.72 4.08 -20.74
CA THR B 471 -9.99 3.52 -22.07
C THR B 471 -9.54 2.07 -22.10
N PRO B 472 -10.37 1.07 -22.48
CA PRO B 472 -9.99 -0.33 -22.51
C PRO B 472 -8.86 -0.59 -23.49
N SER B 473 -8.01 -1.59 -23.27
CA SER B 473 -7.01 -1.94 -24.24
C SER B 473 -7.61 -2.83 -25.33
N TYR B 474 -8.45 -3.79 -24.96
CA TYR B 474 -9.12 -4.67 -25.90
C TYR B 474 -10.35 -5.18 -25.19
N TYR B 475 -11.17 -5.94 -25.90
CA TYR B 475 -12.44 -6.40 -25.38
C TYR B 475 -12.57 -7.88 -25.68
N TYR B 476 -13.54 -8.55 -25.07
CA TYR B 476 -13.86 -9.93 -25.37
C TYR B 476 -15.33 -9.91 -25.74
N VAL B 477 -15.69 -10.14 -27.00
CA VAL B 477 -17.09 -10.17 -27.41
C VAL B 477 -17.43 -11.61 -27.76
N LYS B 478 -18.31 -12.20 -26.95
CA LYS B 478 -18.70 -13.60 -27.04
C LYS B 478 -17.48 -14.53 -27.03
N GLY B 479 -16.49 -14.18 -26.20
CA GLY B 479 -15.24 -14.92 -26.09
C GLY B 479 -14.19 -14.55 -27.13
N GLU B 480 -14.53 -13.81 -28.19
CA GLU B 480 -13.56 -13.45 -29.21
C GLU B 480 -12.86 -12.17 -28.76
N LYS B 481 -11.53 -12.07 -28.84
CA LYS B 481 -10.85 -10.83 -28.50
C LYS B 481 -11.07 -9.87 -29.65
N MET B 482 -11.53 -8.67 -29.34
CA MET B 482 -11.70 -7.66 -30.35
C MET B 482 -11.15 -6.34 -29.87
N GLU B 483 -10.85 -5.48 -30.81
CA GLU B 483 -10.28 -4.17 -30.53
C GLU B 483 -11.03 -3.11 -31.32
N LYS B 484 -11.06 -1.91 -30.76
CA LYS B 484 -11.57 -0.74 -31.45
C LYS B 484 -10.52 -0.38 -32.51
N PRO B 485 -10.77 0.04 -33.75
CA PRO B 485 -9.77 0.24 -34.80
C PRO B 485 -8.80 1.42 -34.70
#